data_9E2P
#
_entry.id   9E2P
#
_cell.length_a   1.00
_cell.length_b   1.00
_cell.length_c   1.00
_cell.angle_alpha   90.00
_cell.angle_beta   90.00
_cell.angle_gamma   90.00
#
_symmetry.space_group_name_H-M   'P 1'
#
loop_
_entity.id
_entity.type
_entity.pdbx_description
1 polymer 'Mitochondrial Rho GTPase 1'
2 polymer 'Trafficking kinesin protein 1'
3 non-polymer "GUANOSINE-5'-TRIPHOSPHATE"
4 non-polymer 'MAGNESIUM ION'
5 non-polymer 'CALCIUM ION'
#
loop_
_entity_poly.entity_id
_entity_poly.type
_entity_poly.pdbx_seq_one_letter_code
_entity_poly.pdbx_strand_id
1 'polypeptide(L)'
;MGSSHHHHHHSENLYFQGSMKKDVRILLVGEPRVGKTSLIMSLVSEEFPEEVPPRAEEITIPADVTPERVPTHIVDYSEA
EQSDEQLHQEISQANVICIVYAVNNKHSIDKVTSRWIPLINERTDKDSRLPLILVGNKSDLVEYSSMETILPIMNQYTEI
ETCVECSAKNLKNISELFYYAQKAVLHPTGPLYCPEEKEMKPACIKALTRIFKISDQDNDGTLNDAELNFFQRICFNTPL
APQALEDVKNVVRKHISDGVADSGLTLKGFLFLHTLFIQRGRHETTWTVLRRFGYDDDLDLTPEYLFPLLKIPPDCTTEL
NHHAYLFLQSTFDKHDLDRDCALSPDELKDLFKVFPYIPWGPDVNNTVCTNERGWITYQGFLSQWTLTTYLDVQRCLEYL
GYLGYSILTEQESQASAVTVTRDKKIDLQKKQTQRNVFRCNVIGVKNCGKSGVLQALLGRNLMRQKKIREDHKSYYAINT
VYVYGQEKYLLLHDISESEFLTEAEIICDVVCLVYDVSNPKSFEYCARIFKQHFMDSRIPCLIVAAKSDLHEVKQEYSIS
PTDFCRKHKMPPPQAFTCNTADAPSKDIFVKLTTMAMYPHVTQADLKSSTWSHPQFEK
;
A,C
2 'polypeptide(L)' AGHMYLPEKLQIVKPLEGSATLHHWQQLAQPHLGGILDPRPGVVTKGFRTLDVDLDEVY B,D
#
# COMPACT_ATOMS: atom_id res chain seq x y z
N MET A 20 -15.47 -12.52 5.58
CA MET A 20 -15.87 -13.80 4.99
C MET A 20 -16.93 -14.49 5.84
N LYS A 21 -16.51 -15.07 6.96
CA LYS A 21 -17.41 -15.78 7.86
C LYS A 21 -17.24 -15.26 9.28
N LYS A 22 -18.23 -15.54 10.13
CA LYS A 22 -18.21 -15.06 11.51
C LYS A 22 -17.60 -16.09 12.46
N ASP A 23 -18.23 -17.26 12.58
CA ASP A 23 -17.77 -18.31 13.47
C ASP A 23 -18.34 -19.64 13.00
N VAL A 24 -17.72 -20.72 13.46
CA VAL A 24 -18.13 -22.08 13.14
C VAL A 24 -18.49 -22.77 14.45
N ARG A 25 -19.71 -23.30 14.53
CA ARG A 25 -20.21 -23.98 15.73
C ARG A 25 -20.44 -25.45 15.40
N ILE A 26 -19.70 -26.33 16.09
CA ILE A 26 -19.81 -27.76 15.90
C ILE A 26 -20.59 -28.35 17.08
N LEU A 27 -21.66 -29.08 16.79
CA LEU A 27 -22.50 -29.70 17.79
C LEU A 27 -22.41 -31.21 17.69
N LEU A 28 -22.14 -31.87 18.82
CA LEU A 28 -22.05 -33.32 18.89
C LEU A 28 -23.29 -33.87 19.59
N VAL A 29 -23.93 -34.86 18.97
CA VAL A 29 -25.11 -35.52 19.52
C VAL A 29 -24.88 -37.02 19.51
N GLY A 30 -25.80 -37.75 20.14
CA GLY A 30 -25.74 -39.19 20.12
C GLY A 30 -26.49 -39.78 21.31
N GLU A 31 -26.21 -41.06 21.55
CA GLU A 31 -26.75 -41.88 22.62
C GLU A 31 -26.01 -41.61 23.93
N PRO A 32 -26.65 -41.90 25.07
CA PRO A 32 -25.88 -42.07 26.31
C PRO A 32 -24.89 -43.21 26.20
N ARG A 33 -23.72 -43.01 26.85
CA ARG A 33 -22.59 -43.94 26.93
C ARG A 33 -22.04 -44.32 25.55
N VAL A 34 -21.60 -43.29 24.82
CA VAL A 34 -20.84 -43.45 23.59
C VAL A 34 -19.47 -42.81 23.65
N GLY A 35 -19.16 -42.08 24.72
CA GLY A 35 -17.87 -41.43 24.82
C GLY A 35 -17.71 -40.19 23.96
N LYS A 36 -18.78 -39.43 23.74
CA LYS A 36 -18.69 -38.20 22.96
C LYS A 36 -18.02 -37.08 23.74
N THR A 37 -18.12 -37.09 25.07
CA THR A 37 -17.39 -36.12 25.88
C THR A 37 -15.91 -36.48 25.95
N SER A 38 -15.60 -37.77 25.84
CA SER A 38 -14.22 -38.26 25.94
C SER A 38 -13.38 -37.82 24.75
N LEU A 39 -13.99 -37.61 23.59
CA LEU A 39 -13.27 -37.10 22.43
C LEU A 39 -12.83 -35.65 22.64
N ILE A 40 -13.71 -34.83 23.21
CA ILE A 40 -13.38 -33.43 23.50
C ILE A 40 -12.35 -33.33 24.62
N MET A 41 -12.48 -34.17 25.65
CA MET A 41 -11.50 -34.20 26.73
C MET A 41 -10.15 -34.76 26.28
N SER A 42 -10.14 -35.70 25.33
CA SER A 42 -8.89 -36.19 24.78
C SER A 42 -8.26 -35.19 23.82
N LEU A 43 -9.08 -34.34 23.20
CA LEU A 43 -8.54 -33.25 22.40
C LEU A 43 -7.88 -32.19 23.27
N VAL A 44 -8.52 -31.81 24.37
CA VAL A 44 -7.98 -30.72 25.17
C VAL A 44 -6.91 -31.19 26.14
N SER A 45 -6.87 -32.48 26.48
CA SER A 45 -5.90 -33.01 27.43
C SER A 45 -4.73 -33.73 26.77
N GLU A 46 -4.86 -34.06 25.48
CA GLU A 46 -3.86 -34.77 24.65
C GLU A 46 -3.51 -36.15 25.20
N GLU A 47 -4.44 -36.77 25.92
CA GLU A 47 -4.33 -38.05 26.62
C GLU A 47 -5.72 -38.39 27.15
N PHE A 48 -6.02 -39.69 27.23
CA PHE A 48 -7.34 -40.17 27.67
C PHE A 48 -7.54 -39.96 29.16
N PRO A 49 -8.63 -39.31 29.59
CA PRO A 49 -8.98 -39.34 31.01
C PRO A 49 -9.96 -40.48 31.34
N GLU A 50 -9.63 -41.26 32.37
CA GLU A 50 -10.40 -42.46 32.67
C GLU A 50 -11.75 -42.14 33.32
N GLU A 51 -11.81 -41.09 34.13
CA GLU A 51 -13.05 -40.64 34.73
C GLU A 51 -13.36 -39.24 34.22
N VAL A 52 -14.58 -39.05 33.71
CA VAL A 52 -14.94 -37.82 33.00
C VAL A 52 -16.20 -37.20 33.60
N PRO A 53 -16.38 -35.89 33.50
CA PRO A 53 -17.68 -35.28 33.81
C PRO A 53 -18.70 -35.62 32.72
N PRO A 54 -20.00 -35.57 33.02
CA PRO A 54 -21.00 -35.91 31.98
C PRO A 54 -21.16 -34.86 30.88
N ARG A 55 -20.61 -33.66 31.03
CA ARG A 55 -20.70 -32.66 29.98
C ARG A 55 -19.43 -31.82 29.99
N ALA A 56 -19.11 -31.25 28.84
CA ALA A 56 -17.99 -30.34 28.67
C ALA A 56 -18.50 -28.93 28.38
N GLU A 57 -17.64 -27.95 28.62
CA GLU A 57 -17.97 -26.57 28.34
C GLU A 57 -17.69 -26.24 26.87
N GLU A 58 -18.03 -25.00 26.50
CA GLU A 58 -17.80 -24.51 25.14
C GLU A 58 -16.33 -24.15 24.98
N ILE A 59 -15.53 -25.17 24.70
CA ILE A 59 -14.11 -24.97 24.43
C ILE A 59 -13.97 -24.50 22.99
N THR A 60 -13.43 -23.30 22.82
CA THR A 60 -13.28 -22.71 21.50
C THR A 60 -11.81 -22.66 21.09
N ILE A 61 -11.58 -22.77 19.78
CA ILE A 61 -10.25 -22.97 19.21
C ILE A 61 -9.91 -21.72 18.40
N PRO A 62 -8.71 -21.15 18.57
CA PRO A 62 -8.42 -19.83 17.97
C PRO A 62 -8.24 -19.88 16.46
N ALA A 63 -8.09 -18.70 15.89
CA ALA A 63 -8.13 -18.51 14.45
C ALA A 63 -6.78 -18.73 13.76
N ASP A 64 -5.73 -19.06 14.50
CA ASP A 64 -4.42 -19.26 13.92
C ASP A 64 -4.14 -20.73 13.62
N VAL A 65 -5.18 -21.56 13.58
CA VAL A 65 -5.01 -22.98 13.25
C VAL A 65 -5.42 -23.23 11.80
N THR A 66 -6.15 -22.31 11.17
CA THR A 66 -6.64 -22.38 9.81
C THR A 66 -6.16 -21.11 9.10
N PRO A 67 -5.68 -21.22 7.85
CA PRO A 67 -5.26 -20.00 7.11
C PRO A 67 -6.39 -19.06 6.74
N GLU A 68 -7.66 -19.48 6.82
CA GLU A 68 -8.78 -18.60 6.57
C GLU A 68 -9.06 -17.65 7.74
N ARG A 69 -8.50 -17.95 8.92
CA ARG A 69 -8.62 -17.18 10.17
C ARG A 69 -10.09 -17.03 10.60
N VAL A 70 -10.72 -18.18 10.85
CA VAL A 70 -12.10 -18.24 11.31
C VAL A 70 -12.11 -19.07 12.59
N PRO A 71 -12.63 -18.55 13.70
CA PRO A 71 -12.66 -19.33 14.95
C PRO A 71 -13.70 -20.44 14.91
N THR A 72 -13.54 -21.38 15.85
CA THR A 72 -14.33 -22.60 15.89
C THR A 72 -14.78 -22.86 17.31
N HIS A 73 -16.09 -23.07 17.49
CA HIS A 73 -16.67 -23.37 18.80
C HIS A 73 -17.17 -24.80 18.83
N ILE A 74 -16.79 -25.55 19.86
CA ILE A 74 -17.22 -26.93 20.05
C ILE A 74 -18.12 -26.97 21.27
N VAL A 75 -19.34 -27.49 21.10
CA VAL A 75 -20.33 -27.58 22.17
C VAL A 75 -20.80 -29.03 22.28
N ASP A 76 -20.97 -29.50 23.52
CA ASP A 76 -21.44 -30.84 23.83
C ASP A 76 -22.90 -30.80 24.27
N TYR A 77 -23.55 -31.96 24.20
CA TYR A 77 -24.91 -32.12 24.69
C TYR A 77 -25.04 -33.46 25.38
N SER A 78 -25.73 -33.46 26.51
CA SER A 78 -26.12 -34.68 27.22
C SER A 78 -27.60 -34.59 27.56
N GLU A 79 -28.30 -35.73 27.47
CA GLU A 79 -29.75 -35.73 27.66
C GLU A 79 -30.14 -35.53 29.12
N ALA A 80 -29.28 -35.98 30.06
CA ALA A 80 -29.60 -35.90 31.48
C ALA A 80 -29.50 -34.48 32.02
N GLU A 81 -28.61 -33.66 31.47
CA GLU A 81 -28.36 -32.32 31.98
C GLU A 81 -29.10 -31.23 31.21
N GLN A 82 -29.62 -31.54 30.02
CA GLN A 82 -30.26 -30.55 29.16
C GLN A 82 -31.75 -30.86 29.02
N SER A 83 -32.44 -30.02 28.24
CA SER A 83 -33.86 -30.15 28.01
C SER A 83 -34.14 -30.14 26.51
N ASP A 84 -35.40 -30.38 26.14
CA ASP A 84 -35.77 -30.50 24.74
C ASP A 84 -35.84 -29.14 24.04
N GLU A 85 -36.28 -28.10 24.77
CA GLU A 85 -36.28 -26.74 24.23
C GLU A 85 -34.85 -26.23 24.03
N GLN A 86 -33.97 -26.55 24.97
CA GLN A 86 -32.56 -26.22 24.86
C GLN A 86 -31.89 -26.97 23.71
N LEU A 87 -32.27 -28.23 23.51
CA LEU A 87 -31.75 -29.02 22.39
C LEU A 87 -32.23 -28.48 21.04
N HIS A 88 -33.49 -28.06 20.98
CA HIS A 88 -34.03 -27.46 19.75
C HIS A 88 -33.38 -26.11 19.46
N GLN A 89 -33.05 -25.34 20.51
CA GLN A 89 -32.40 -24.06 20.33
C GLN A 89 -30.95 -24.22 19.88
N GLU A 90 -30.21 -25.18 20.44
CA GLU A 90 -28.84 -25.40 20.00
C GLU A 90 -28.76 -26.08 18.63
N ILE A 91 -29.76 -26.87 18.26
CA ILE A 91 -29.80 -27.40 16.91
C ILE A 91 -30.16 -26.29 15.90
N SER A 92 -31.04 -25.37 16.30
CA SER A 92 -31.32 -24.20 15.47
C SER A 92 -30.13 -23.25 15.39
N GLN A 93 -29.32 -23.17 16.45
CA GLN A 93 -28.12 -22.32 16.46
C GLN A 93 -26.90 -23.22 16.25
N ALA A 94 -26.69 -23.63 15.00
CA ALA A 94 -25.61 -24.53 14.65
C ALA A 94 -25.25 -24.33 13.19
N ASN A 95 -24.18 -25.02 12.77
CA ASN A 95 -23.76 -25.00 11.37
C ASN A 95 -23.48 -26.41 10.85
N VAL A 96 -23.04 -27.30 11.75
CA VAL A 96 -22.69 -28.68 11.37
C VAL A 96 -22.93 -29.56 12.58
N ILE A 97 -23.48 -30.75 12.34
CA ILE A 97 -23.86 -31.69 13.40
C ILE A 97 -23.12 -33.01 13.16
N CYS A 98 -22.47 -33.52 14.20
CA CYS A 98 -21.82 -34.82 14.17
C CYS A 98 -22.63 -35.79 15.02
N ILE A 99 -23.03 -36.92 14.43
CA ILE A 99 -23.82 -37.93 15.10
C ILE A 99 -22.92 -39.12 15.41
N VAL A 100 -22.84 -39.49 16.68
CA VAL A 100 -21.86 -40.47 17.17
C VAL A 100 -22.60 -41.77 17.45
N TYR A 101 -22.09 -42.87 16.89
CA TYR A 101 -22.56 -44.21 17.22
C TYR A 101 -21.39 -45.06 17.71
N ALA A 102 -21.70 -46.07 18.50
CA ALA A 102 -20.72 -47.03 18.98
C ALA A 102 -20.86 -48.32 18.19
N VAL A 103 -19.73 -48.87 17.73
CA VAL A 103 -19.77 -50.05 16.88
C VAL A 103 -20.01 -51.34 17.67
N ASN A 104 -19.82 -51.33 18.99
CA ASN A 104 -20.14 -52.49 19.83
C ASN A 104 -21.53 -52.39 20.43
N ASN A 105 -22.51 -52.10 19.58
CA ASN A 105 -23.90 -51.85 19.94
C ASN A 105 -24.71 -51.90 18.65
N LYS A 106 -26.01 -52.19 18.78
CA LYS A 106 -26.92 -52.13 17.65
C LYS A 106 -28.09 -51.18 17.87
N HIS A 107 -28.33 -50.73 19.10
CA HIS A 107 -29.40 -49.77 19.37
C HIS A 107 -29.07 -48.39 18.83
N SER A 108 -27.78 -48.03 18.82
CA SER A 108 -27.35 -46.69 18.41
C SER A 108 -27.57 -46.46 16.92
N ILE A 109 -27.24 -47.46 16.09
CA ILE A 109 -27.40 -47.37 14.63
C ILE A 109 -28.88 -47.30 14.27
N ASP A 110 -29.73 -48.00 15.04
CA ASP A 110 -31.18 -47.88 14.91
C ASP A 110 -31.67 -46.49 15.30
N LYS A 111 -31.08 -45.88 16.31
CA LYS A 111 -31.57 -44.59 16.77
C LYS A 111 -31.03 -43.43 15.91
N VAL A 112 -29.96 -43.67 15.14
CA VAL A 112 -29.49 -42.70 14.14
C VAL A 112 -30.55 -42.46 13.05
N THR A 113 -31.15 -43.52 12.53
CA THR A 113 -32.20 -43.35 11.54
C THR A 113 -33.59 -43.24 12.15
N SER A 114 -33.75 -43.61 13.42
CA SER A 114 -35.08 -43.57 14.04
C SER A 114 -35.46 -42.17 14.49
N ARG A 115 -34.56 -41.49 15.18
CA ARG A 115 -34.87 -40.21 15.79
C ARG A 115 -34.02 -39.06 15.25
N TRP A 116 -32.69 -39.20 15.25
CA TRP A 116 -31.78 -38.05 15.25
C TRP A 116 -31.75 -37.33 13.90
N ILE A 117 -31.67 -38.08 12.80
CA ILE A 117 -31.78 -37.48 11.47
C ILE A 117 -33.21 -37.00 11.22
N PRO A 118 -34.31 -37.67 11.66
CA PRO A 118 -35.60 -36.94 11.72
C PRO A 118 -35.64 -35.73 12.65
N LEU A 119 -34.97 -35.74 13.81
CA LEU A 119 -35.14 -34.64 14.76
C LEU A 119 -34.34 -33.41 14.34
N ILE A 120 -33.24 -33.59 13.62
CA ILE A 120 -32.58 -32.45 12.98
C ILE A 120 -33.46 -31.86 11.89
N ASN A 121 -34.09 -32.73 11.10
CA ASN A 121 -34.92 -32.33 9.96
C ASN A 121 -36.38 -32.12 10.34
N GLU A 122 -36.71 -32.10 11.65
CA GLU A 122 -38.08 -31.92 12.08
C GLU A 122 -38.53 -30.47 11.91
N ARG A 123 -37.73 -29.53 12.43
CA ARG A 123 -38.07 -28.12 12.36
C ARG A 123 -37.44 -27.44 11.15
N THR A 124 -36.36 -27.99 10.62
CA THR A 124 -35.60 -27.37 9.54
C THR A 124 -36.36 -27.44 8.22
N ASP A 125 -36.45 -26.30 7.54
CA ASP A 125 -37.11 -26.22 6.25
C ASP A 125 -36.27 -26.88 5.16
N LYS A 126 -36.93 -27.23 4.06
CA LYS A 126 -36.30 -27.95 2.97
C LYS A 126 -35.52 -27.06 2.01
N ASP A 127 -35.51 -25.73 2.25
CA ASP A 127 -34.72 -24.84 1.41
C ASP A 127 -33.22 -25.01 1.65
N SER A 128 -32.82 -25.11 2.91
CA SER A 128 -31.40 -25.28 3.26
C SER A 128 -31.29 -26.25 4.42
N ARG A 129 -30.35 -27.18 4.32
CA ARG A 129 -30.08 -28.15 5.37
C ARG A 129 -28.65 -27.98 5.85
N LEU A 130 -28.44 -28.24 7.14
CA LEU A 130 -27.09 -28.24 7.69
C LEU A 130 -26.41 -29.57 7.38
N PRO A 131 -25.12 -29.54 7.00
CA PRO A 131 -24.42 -30.79 6.67
C PRO A 131 -24.14 -31.63 7.92
N LEU A 132 -24.06 -32.94 7.71
CA LEU A 132 -23.95 -33.90 8.79
C LEU A 132 -22.70 -34.75 8.64
N ILE A 133 -22.09 -35.10 9.79
CA ILE A 133 -20.94 -35.98 9.86
C ILE A 133 -21.34 -37.18 10.71
N LEU A 134 -20.94 -38.38 10.27
CA LEU A 134 -21.20 -39.60 11.02
C LEU A 134 -19.91 -40.07 11.68
N VAL A 135 -19.97 -40.34 12.98
CA VAL A 135 -18.80 -40.68 13.80
C VAL A 135 -18.99 -42.09 14.33
N GLY A 136 -17.97 -42.92 14.18
CA GLY A 136 -17.98 -44.25 14.77
C GLY A 136 -16.92 -44.40 15.84
N ASN A 137 -17.33 -44.71 17.06
CA ASN A 137 -16.43 -44.82 18.20
C ASN A 137 -16.29 -46.29 18.61
N LYS A 138 -15.45 -46.52 19.64
CA LYS A 138 -15.18 -47.82 20.26
C LYS A 138 -14.64 -48.86 19.25
N SER A 139 -13.83 -48.40 18.29
CA SER A 139 -13.28 -49.31 17.29
C SER A 139 -12.07 -50.10 17.79
N ASP A 140 -11.54 -49.77 18.97
CA ASP A 140 -10.48 -50.57 19.57
C ASP A 140 -11.00 -51.89 20.14
N LEU A 141 -12.29 -51.97 20.46
CA LEU A 141 -12.85 -53.20 21.00
C LEU A 141 -13.00 -54.27 19.92
N VAL A 142 -13.43 -53.87 18.72
CA VAL A 142 -13.62 -54.82 17.63
C VAL A 142 -12.27 -55.15 17.00
N GLU A 143 -12.25 -56.24 16.23
CA GLU A 143 -11.03 -56.72 15.58
C GLU A 143 -10.96 -56.37 14.11
N TYR A 144 -11.99 -56.73 13.34
CA TYR A 144 -12.02 -56.51 11.90
C TYR A 144 -12.85 -55.27 11.61
N SER A 145 -12.23 -54.29 10.96
CA SER A 145 -12.95 -53.07 10.58
C SER A 145 -13.91 -53.36 9.44
N SER A 146 -15.17 -53.00 9.62
CA SER A 146 -16.21 -53.33 8.66
C SER A 146 -17.28 -52.24 8.68
N MET A 147 -18.21 -52.35 7.72
CA MET A 147 -19.20 -51.30 7.51
C MET A 147 -20.41 -51.95 6.85
N GLU A 148 -21.47 -52.17 7.62
CA GLU A 148 -22.61 -52.96 7.16
C GLU A 148 -23.89 -52.14 7.01
N THR A 149 -24.33 -51.48 8.07
CA THR A 149 -25.67 -50.90 8.14
C THR A 149 -25.65 -49.41 7.78
N ILE A 150 -24.47 -48.79 7.78
CA ILE A 150 -24.33 -47.36 7.49
C ILE A 150 -24.58 -47.09 6.00
N LEU A 151 -24.19 -48.01 5.12
CA LEU A 151 -24.29 -47.86 3.67
C LEU A 151 -25.72 -47.74 3.08
N PRO A 152 -26.78 -48.30 3.69
CA PRO A 152 -28.12 -47.78 3.33
C PRO A 152 -28.35 -46.31 3.67
N ILE A 153 -27.86 -45.83 4.83
CA ILE A 153 -28.21 -44.50 5.32
C ILE A 153 -27.54 -43.41 4.49
N MET A 154 -26.28 -43.65 4.06
CA MET A 154 -25.64 -42.81 3.06
C MET A 154 -26.36 -42.83 1.73
N ASN A 155 -26.98 -43.96 1.37
CA ASN A 155 -27.82 -44.00 0.20
C ASN A 155 -29.21 -43.42 0.43
N GLN A 156 -29.59 -43.17 1.70
CA GLN A 156 -30.93 -42.66 1.96
C GLN A 156 -30.97 -41.13 1.94
N TYR A 157 -30.18 -40.49 2.80
CA TYR A 157 -30.15 -39.04 2.90
C TYR A 157 -28.91 -38.50 2.18
N THR A 158 -29.09 -37.42 1.44
CA THR A 158 -28.01 -36.82 0.66
C THR A 158 -27.12 -35.90 1.49
N GLU A 159 -27.45 -35.65 2.75
CA GLU A 159 -26.73 -34.69 3.55
C GLU A 159 -25.51 -35.27 4.27
N ILE A 160 -25.47 -36.58 4.49
CA ILE A 160 -24.30 -37.21 5.09
C ILE A 160 -23.20 -37.31 4.03
N GLU A 161 -22.04 -36.73 4.33
CA GLU A 161 -20.94 -36.67 3.37
C GLU A 161 -19.67 -37.37 3.83
N THR A 162 -19.46 -37.55 5.14
CA THR A 162 -18.21 -38.12 5.63
C THR A 162 -18.55 -39.05 6.79
N CYS A 163 -17.83 -40.17 6.89
CA CYS A 163 -18.16 -41.27 7.80
C CYS A 163 -16.91 -41.71 8.58
N VAL A 164 -16.30 -40.75 9.28
CA VAL A 164 -15.05 -40.97 10.01
C VAL A 164 -15.27 -41.96 11.16
N GLU A 165 -14.42 -42.99 11.22
CA GLU A 165 -14.40 -43.95 12.31
C GLU A 165 -13.17 -43.66 13.18
N CYS A 166 -13.37 -43.61 14.49
CA CYS A 166 -12.32 -43.12 15.38
C CYS A 166 -12.27 -43.94 16.66
N SER A 167 -11.20 -43.72 17.42
CA SER A 167 -11.05 -44.27 18.77
C SER A 167 -10.17 -43.33 19.57
N ALA A 168 -10.63 -42.96 20.76
CA ALA A 168 -9.86 -42.03 21.60
C ALA A 168 -8.80 -42.72 22.44
N LYS A 169 -8.88 -44.05 22.61
CA LYS A 169 -7.90 -44.74 23.44
C LYS A 169 -6.55 -44.88 22.73
N ASN A 170 -6.58 -45.14 21.43
CA ASN A 170 -5.38 -45.20 20.61
C ASN A 170 -5.04 -43.86 19.98
N LEU A 171 -5.83 -42.81 20.26
CA LEU A 171 -5.79 -41.49 19.60
C LEU A 171 -5.90 -41.62 18.08
N LYS A 172 -6.84 -42.46 17.64
CA LYS A 172 -7.04 -42.75 16.23
C LYS A 172 -7.99 -41.70 15.65
N ASN A 173 -7.40 -40.76 14.89
CA ASN A 173 -8.10 -39.71 14.13
C ASN A 173 -8.96 -38.80 15.04
N ILE A 174 -8.34 -38.29 16.10
CA ILE A 174 -9.01 -37.36 16.99
C ILE A 174 -8.79 -35.91 16.54
N SER A 175 -7.63 -35.61 15.97
CA SER A 175 -7.38 -34.30 15.37
C SER A 175 -7.83 -34.23 13.91
N GLU A 176 -8.53 -35.26 13.42
CA GLU A 176 -9.06 -35.29 12.07
C GLU A 176 -10.56 -35.15 11.99
N LEU A 177 -11.30 -35.45 13.07
CA LEU A 177 -12.76 -35.41 13.02
C LEU A 177 -13.27 -33.98 13.00
N PHE A 178 -12.70 -33.12 13.86
CA PHE A 178 -13.17 -31.74 13.94
C PHE A 178 -12.71 -30.91 12.74
N TYR A 179 -11.58 -31.28 12.12
CA TYR A 179 -11.19 -30.66 10.86
C TYR A 179 -12.15 -31.00 9.73
N TYR A 180 -12.59 -32.26 9.66
CA TYR A 180 -13.59 -32.64 8.66
C TYR A 180 -14.97 -32.09 8.97
N ALA A 181 -15.25 -31.75 10.23
CA ALA A 181 -16.47 -31.03 10.56
C ALA A 181 -16.39 -29.56 10.18
N GLN A 182 -15.21 -28.95 10.36
CA GLN A 182 -15.02 -27.54 10.04
C GLN A 182 -14.96 -27.31 8.53
N LYS A 183 -14.45 -28.30 7.78
CA LYS A 183 -14.38 -28.23 6.33
C LYS A 183 -15.76 -28.32 5.68
N ALA A 184 -16.77 -28.83 6.39
CA ALA A 184 -18.14 -28.78 5.91
C ALA A 184 -18.66 -27.35 5.83
N VAL A 185 -18.23 -26.49 6.75
CA VAL A 185 -18.70 -25.11 6.77
C VAL A 185 -17.81 -24.21 5.91
N LEU A 186 -16.48 -24.31 6.07
CA LEU A 186 -15.60 -23.36 5.41
C LEU A 186 -15.40 -23.67 3.92
N HIS A 187 -15.34 -24.94 3.54
CA HIS A 187 -15.05 -25.34 2.16
C HIS A 187 -16.18 -26.25 1.65
N PRO A 188 -17.30 -25.69 1.22
CA PRO A 188 -18.48 -26.50 0.91
C PRO A 188 -18.35 -27.27 -0.40
N THR A 189 -19.05 -28.40 -0.46
CA THR A 189 -19.17 -29.21 -1.65
C THR A 189 -20.49 -28.98 -2.38
N GLY A 190 -21.32 -28.08 -1.86
CA GLY A 190 -22.62 -27.76 -2.42
C GLY A 190 -22.63 -27.14 -3.80
N PRO A 191 -22.10 -25.92 -3.95
CA PRO A 191 -22.15 -25.24 -5.27
C PRO A 191 -21.24 -25.81 -6.35
N LEU A 192 -20.41 -26.82 -6.07
CA LEU A 192 -19.50 -27.36 -7.06
C LEU A 192 -19.93 -28.71 -7.63
N TYR A 193 -20.26 -29.67 -6.77
CA TYR A 193 -20.46 -31.05 -7.18
C TYR A 193 -21.94 -31.42 -7.12
N CYS A 194 -22.42 -32.07 -8.19
CA CYS A 194 -23.74 -32.65 -8.20
C CYS A 194 -23.61 -34.17 -8.06
N PRO A 195 -24.05 -34.76 -6.95
CA PRO A 195 -23.81 -36.21 -6.75
C PRO A 195 -24.71 -37.11 -7.59
N GLU A 196 -25.77 -36.58 -8.19
CA GLU A 196 -26.68 -37.43 -8.95
C GLU A 196 -26.09 -37.79 -10.32
N GLU A 197 -25.80 -36.79 -11.15
CA GLU A 197 -25.30 -37.03 -12.49
C GLU A 197 -23.80 -37.27 -12.54
N LYS A 198 -23.07 -36.96 -11.45
CA LYS A 198 -21.63 -37.20 -11.26
C LYS A 198 -20.76 -36.45 -12.27
N GLU A 199 -21.06 -35.16 -12.46
CA GLU A 199 -20.11 -34.21 -13.02
C GLU A 199 -20.21 -32.91 -12.21
N MET A 200 -19.44 -31.91 -12.63
CA MET A 200 -19.42 -30.62 -11.97
C MET A 200 -20.61 -29.78 -12.43
N LYS A 201 -20.94 -28.77 -11.62
CA LYS A 201 -21.95 -27.80 -12.00
C LYS A 201 -21.38 -26.87 -13.08
N PRO A 202 -22.23 -26.37 -13.99
CA PRO A 202 -21.70 -25.57 -15.12
C PRO A 202 -21.15 -24.19 -14.74
N ALA A 203 -21.49 -23.67 -13.56
CA ALA A 203 -20.88 -22.43 -13.09
C ALA A 203 -19.41 -22.62 -12.76
N CYS A 204 -19.05 -23.79 -12.21
CA CYS A 204 -17.64 -24.11 -11.99
C CYS A 204 -16.94 -24.48 -13.28
N ILE A 205 -17.68 -25.00 -14.27
CA ILE A 205 -17.10 -25.30 -15.58
C ILE A 205 -16.74 -24.01 -16.31
N LYS A 206 -17.64 -23.02 -16.28
CA LYS A 206 -17.32 -21.70 -16.82
C LYS A 206 -16.33 -20.94 -15.94
N ALA A 207 -16.26 -21.26 -14.65
CA ALA A 207 -15.35 -20.60 -13.74
C ALA A 207 -13.92 -21.14 -13.79
N LEU A 208 -13.69 -22.25 -14.49
CA LEU A 208 -12.36 -22.82 -14.59
C LEU A 208 -11.77 -22.76 -15.99
N THR A 209 -12.58 -22.47 -17.01
CA THR A 209 -12.04 -22.21 -18.34
C THR A 209 -11.34 -20.87 -18.39
N ARG A 210 -11.83 -19.89 -17.62
CA ARG A 210 -11.25 -18.55 -17.60
C ARG A 210 -9.90 -18.53 -16.88
N ILE A 211 -9.74 -19.38 -15.86
CA ILE A 211 -8.46 -19.50 -15.16
C ILE A 211 -7.40 -20.15 -16.06
N PHE A 212 -7.84 -21.04 -16.96
CA PHE A 212 -6.93 -21.73 -17.87
C PHE A 212 -6.34 -20.78 -18.92
N LYS A 213 -7.13 -19.83 -19.42
CA LYS A 213 -6.64 -18.94 -20.46
C LYS A 213 -5.73 -17.85 -19.92
N ILE A 214 -5.92 -17.43 -18.67
CA ILE A 214 -5.05 -16.43 -18.07
C ILE A 214 -3.67 -17.01 -17.77
N SER A 215 -3.63 -18.24 -17.23
CA SER A 215 -2.36 -18.86 -16.88
C SER A 215 -1.56 -19.33 -18.10
N ASP A 216 -2.23 -19.60 -19.21
CA ASP A 216 -1.54 -19.92 -20.45
C ASP A 216 -1.09 -18.63 -21.11
N GLN A 217 0.22 -18.47 -21.29
CA GLN A 217 0.80 -17.20 -21.70
C GLN A 217 1.35 -17.20 -23.13
N ASP A 218 1.01 -18.21 -23.93
CA ASP A 218 1.39 -18.21 -25.34
C ASP A 218 0.33 -18.75 -26.29
N ASN A 219 -0.86 -19.08 -25.79
CA ASN A 219 -2.08 -19.43 -26.57
C ASN A 219 -1.89 -20.65 -27.48
N ASP A 220 -1.03 -21.59 -27.08
CA ASP A 220 -0.91 -22.84 -27.83
C ASP A 220 -2.06 -23.79 -27.53
N GLY A 221 -2.66 -23.68 -26.35
CA GLY A 221 -3.67 -24.60 -25.89
C GLY A 221 -3.21 -25.58 -24.84
N THR A 222 -1.97 -25.48 -24.37
CA THR A 222 -1.40 -26.40 -23.40
C THR A 222 -0.64 -25.62 -22.34
N LEU A 223 -0.48 -26.25 -21.17
CA LEU A 223 0.35 -25.72 -20.09
C LEU A 223 1.61 -26.56 -20.00
N ASN A 224 2.76 -25.91 -20.15
CA ASN A 224 4.04 -26.60 -20.04
C ASN A 224 4.56 -26.52 -18.60
N ASP A 225 5.83 -26.86 -18.39
CA ASP A 225 6.39 -26.89 -17.05
C ASP A 225 6.65 -25.50 -16.49
N ALA A 226 6.82 -24.49 -17.36
CA ALA A 226 7.12 -23.14 -16.90
C ALA A 226 5.90 -22.45 -16.31
N GLU A 227 4.73 -22.59 -16.95
CA GLU A 227 3.52 -21.93 -16.46
C GLU A 227 2.92 -22.63 -15.25
N LEU A 228 3.16 -23.94 -15.11
CA LEU A 228 2.62 -24.69 -13.99
C LEU A 228 3.29 -24.31 -12.68
N ASN A 229 4.60 -24.02 -12.70
CA ASN A 229 5.29 -23.56 -11.49
C ASN A 229 4.84 -22.17 -11.08
N PHE A 230 4.51 -21.32 -12.05
CA PHE A 230 3.90 -20.01 -11.80
C PHE A 230 2.52 -20.17 -11.15
N PHE A 231 1.75 -21.17 -11.61
CA PHE A 231 0.44 -21.47 -11.04
C PHE A 231 0.55 -22.00 -9.60
N GLN A 232 1.52 -22.89 -9.34
CA GLN A 232 1.75 -23.39 -7.97
C GLN A 232 2.25 -22.29 -7.05
N ARG A 233 3.09 -21.39 -7.54
CA ARG A 233 3.64 -20.34 -6.70
C ARG A 233 2.59 -19.27 -6.38
N ILE A 234 1.66 -19.01 -7.31
CA ILE A 234 0.60 -18.05 -7.00
C ILE A 234 -0.46 -18.68 -6.10
N CYS A 235 -0.94 -19.87 -6.45
CA CYS A 235 -2.13 -20.41 -5.77
C CYS A 235 -1.79 -21.04 -4.42
N PHE A 236 -0.91 -22.04 -4.42
CA PHE A 236 -0.75 -22.90 -3.26
C PHE A 236 0.41 -22.48 -2.34
N ASN A 237 1.43 -21.81 -2.88
CA ASN A 237 2.75 -21.48 -2.30
C ASN A 237 3.61 -22.71 -1.98
N THR A 238 4.95 -22.50 -1.94
CA THR A 238 6.02 -23.50 -1.81
C THR A 238 5.86 -24.57 -2.89
N PRO A 239 6.25 -24.29 -4.14
CA PRO A 239 5.87 -25.14 -5.28
C PRO A 239 6.51 -26.52 -5.26
N LEU A 240 6.02 -27.36 -6.18
CA LEU A 240 6.19 -28.80 -6.11
C LEU A 240 7.60 -29.22 -6.51
N ALA A 241 7.98 -30.42 -6.06
CA ALA A 241 9.22 -31.05 -6.46
C ALA A 241 9.17 -31.41 -7.95
N PRO A 242 10.32 -31.40 -8.64
CA PRO A 242 10.31 -31.70 -10.09
C PRO A 242 10.07 -33.16 -10.46
N GLN A 243 9.90 -34.07 -9.50
CA GLN A 243 9.65 -35.47 -9.82
C GLN A 243 8.16 -35.83 -9.77
N ALA A 244 7.39 -35.24 -8.85
CA ALA A 244 6.00 -35.63 -8.65
C ALA A 244 5.06 -35.08 -9.71
N LEU A 245 5.50 -34.08 -10.47
CA LEU A 245 4.67 -33.52 -11.54
C LEU A 245 4.48 -34.52 -12.68
N GLU A 246 5.49 -35.35 -12.94
CA GLU A 246 5.30 -36.45 -13.88
C GLU A 246 4.42 -37.55 -13.32
N ASP A 247 4.33 -37.71 -11.99
CA ASP A 247 3.36 -38.64 -11.43
C ASP A 247 1.93 -38.14 -11.59
N VAL A 248 1.74 -36.82 -11.43
CA VAL A 248 0.46 -36.17 -11.74
C VAL A 248 0.09 -36.36 -13.20
N LYS A 249 1.07 -36.14 -14.09
CA LYS A 249 0.86 -36.30 -15.52
C LYS A 249 0.64 -37.76 -15.92
N ASN A 250 1.26 -38.69 -15.19
CA ASN A 250 1.06 -40.12 -15.44
C ASN A 250 -0.34 -40.58 -15.03
N VAL A 251 -0.85 -40.10 -13.90
CA VAL A 251 -2.18 -40.57 -13.49
C VAL A 251 -3.28 -39.92 -14.33
N VAL A 252 -3.09 -38.67 -14.79
CA VAL A 252 -4.10 -38.10 -15.68
C VAL A 252 -3.93 -38.65 -17.12
N ARG A 253 -2.73 -39.13 -17.47
CA ARG A 253 -2.56 -39.82 -18.75
C ARG A 253 -3.21 -41.20 -18.71
N LYS A 254 -3.16 -41.87 -17.56
CA LYS A 254 -3.79 -43.19 -17.43
C LYS A 254 -5.31 -43.09 -17.45
N HIS A 255 -5.88 -42.16 -16.68
CA HIS A 255 -7.33 -42.21 -16.49
C HIS A 255 -8.13 -41.57 -17.62
N ILE A 256 -7.51 -40.77 -18.49
CA ILE A 256 -8.23 -40.18 -19.62
C ILE A 256 -7.26 -40.05 -20.79
N SER A 257 -7.77 -40.26 -22.01
CA SER A 257 -6.92 -40.37 -23.20
C SER A 257 -6.42 -39.01 -23.70
N ASP A 258 -7.25 -37.98 -23.64
CA ASP A 258 -6.93 -36.67 -24.22
C ASP A 258 -6.37 -35.71 -23.19
N GLY A 259 -5.51 -36.21 -22.31
CA GLY A 259 -4.97 -35.46 -21.20
C GLY A 259 -3.64 -34.82 -21.56
N VAL A 260 -2.54 -35.44 -21.15
CA VAL A 260 -1.20 -34.88 -21.36
C VAL A 260 -0.84 -34.90 -22.84
N ALA A 261 -0.59 -33.72 -23.39
CA ALA A 261 -0.15 -33.54 -24.76
C ALA A 261 1.38 -33.58 -24.79
N ASP A 262 1.98 -33.10 -25.90
CA ASP A 262 3.43 -33.02 -26.01
C ASP A 262 3.98 -32.00 -25.02
N SER A 263 3.36 -30.83 -24.93
CA SER A 263 3.83 -29.81 -23.99
C SER A 263 3.42 -30.14 -22.55
N GLY A 264 2.19 -30.60 -22.34
CA GLY A 264 1.73 -30.89 -21.00
C GLY A 264 0.22 -30.99 -20.88
N LEU A 265 -0.33 -30.39 -19.82
CA LEU A 265 -1.76 -30.48 -19.55
C LEU A 265 -2.56 -29.62 -20.52
N THR A 266 -3.68 -30.16 -20.98
CA THR A 266 -4.67 -29.41 -21.75
C THR A 266 -5.77 -28.93 -20.82
N LEU A 267 -6.86 -28.42 -21.41
CA LEU A 267 -8.00 -27.97 -20.62
C LEU A 267 -8.76 -29.15 -20.01
N LYS A 268 -8.84 -30.26 -20.76
CA LYS A 268 -9.58 -31.43 -20.31
C LYS A 268 -8.87 -32.14 -19.16
N GLY A 269 -7.53 -32.20 -19.22
CA GLY A 269 -6.77 -32.74 -18.11
C GLY A 269 -6.81 -31.87 -16.86
N PHE A 270 -6.86 -30.55 -17.04
CA PHE A 270 -7.02 -29.61 -15.92
C PHE A 270 -8.36 -29.79 -15.24
N LEU A 271 -9.44 -29.88 -16.03
CA LEU A 271 -10.77 -30.10 -15.48
C LEU A 271 -10.92 -31.49 -14.88
N PHE A 272 -10.22 -32.49 -15.43
CA PHE A 272 -10.26 -33.84 -14.86
C PHE A 272 -9.51 -33.92 -13.54
N LEU A 273 -8.37 -33.21 -13.42
CA LEU A 273 -7.64 -33.14 -12.17
C LEU A 273 -8.44 -32.42 -11.10
N HIS A 274 -9.14 -31.35 -11.46
CA HIS A 274 -9.97 -30.65 -10.48
C HIS A 274 -11.22 -31.43 -10.09
N THR A 275 -11.84 -32.18 -11.01
CA THR A 275 -12.99 -32.98 -10.59
C THR A 275 -12.57 -34.23 -9.81
N LEU A 276 -11.35 -34.73 -10.00
CA LEU A 276 -10.88 -35.83 -9.16
C LEU A 276 -10.50 -35.32 -7.77
N PHE A 277 -9.98 -34.09 -7.69
CA PHE A 277 -9.77 -33.44 -6.40
C PHE A 277 -11.09 -33.14 -5.69
N ILE A 278 -12.16 -32.88 -6.45
CA ILE A 278 -13.49 -32.75 -5.86
C ILE A 278 -13.99 -34.08 -5.33
N GLN A 279 -13.94 -35.13 -6.16
CA GLN A 279 -14.62 -36.37 -5.80
C GLN A 279 -13.74 -37.35 -5.02
N ARG A 280 -12.52 -36.96 -4.63
CA ARG A 280 -11.81 -37.75 -3.64
C ARG A 280 -11.78 -37.07 -2.27
N GLY A 281 -12.18 -35.80 -2.18
CA GLY A 281 -12.42 -35.17 -0.89
C GLY A 281 -11.52 -33.98 -0.58
N ARG A 282 -10.47 -33.74 -1.35
CA ARG A 282 -9.58 -32.60 -1.09
C ARG A 282 -10.21 -31.35 -1.72
N HIS A 283 -11.15 -30.75 -0.97
CA HIS A 283 -11.89 -29.60 -1.46
C HIS A 283 -11.11 -28.30 -1.41
N GLU A 284 -10.11 -28.19 -0.53
CA GLU A 284 -9.43 -26.92 -0.31
C GLU A 284 -8.48 -26.53 -1.44
N THR A 285 -7.99 -27.51 -2.21
CA THR A 285 -7.02 -27.24 -3.26
C THR A 285 -7.65 -26.49 -4.44
N THR A 286 -8.92 -26.75 -4.72
CA THR A 286 -9.60 -25.98 -5.76
C THR A 286 -10.29 -24.74 -5.22
N TRP A 287 -10.66 -24.72 -3.93
CA TRP A 287 -11.24 -23.51 -3.36
C TRP A 287 -10.19 -22.42 -3.19
N THR A 288 -8.94 -22.79 -2.93
CA THR A 288 -7.85 -21.81 -2.89
C THR A 288 -7.58 -21.24 -4.28
N VAL A 289 -7.73 -22.08 -5.32
CA VAL A 289 -7.51 -21.64 -6.70
C VAL A 289 -8.61 -20.68 -7.14
N LEU A 290 -9.87 -21.03 -6.90
CA LEU A 290 -10.96 -20.10 -7.25
C LEU A 290 -11.08 -18.91 -6.31
N ARG A 291 -10.50 -18.94 -5.11
CA ARG A 291 -10.52 -17.76 -4.26
C ARG A 291 -9.34 -16.83 -4.50
N ARG A 292 -8.23 -17.34 -5.04
CA ARG A 292 -7.10 -16.45 -5.37
C ARG A 292 -7.41 -15.60 -6.59
N PHE A 293 -8.07 -16.16 -7.59
CA PHE A 293 -8.32 -15.44 -8.83
C PHE A 293 -9.51 -14.49 -8.74
N GLY A 294 -10.28 -14.51 -7.65
CA GLY A 294 -11.23 -13.44 -7.41
C GLY A 294 -12.68 -13.82 -7.22
N TYR A 295 -12.99 -15.11 -7.18
CA TYR A 295 -14.38 -15.54 -7.12
C TYR A 295 -14.84 -15.66 -5.67
N ASP A 296 -16.10 -16.07 -5.50
CA ASP A 296 -16.71 -16.15 -4.17
C ASP A 296 -17.30 -17.54 -3.90
N ASP A 297 -18.14 -17.62 -2.85
CA ASP A 297 -18.89 -18.83 -2.55
C ASP A 297 -20.09 -19.05 -3.47
N ASP A 298 -20.42 -18.07 -4.32
CA ASP A 298 -21.49 -18.21 -5.31
C ASP A 298 -20.95 -18.27 -6.74
N LEU A 299 -19.62 -18.41 -6.89
CA LEU A 299 -18.90 -18.56 -8.17
C LEU A 299 -19.12 -17.38 -9.12
N ASP A 300 -19.02 -16.16 -8.59
CA ASP A 300 -19.04 -14.95 -9.39
C ASP A 300 -17.92 -14.03 -8.92
N LEU A 301 -17.55 -13.08 -9.77
CA LEU A 301 -16.47 -12.16 -9.45
C LEU A 301 -16.95 -11.11 -8.45
N THR A 302 -16.12 -10.84 -7.46
CA THR A 302 -16.45 -10.05 -6.29
C THR A 302 -16.19 -8.57 -6.50
N PRO A 303 -16.90 -7.71 -5.76
CA PRO A 303 -16.40 -6.36 -5.52
C PRO A 303 -15.14 -6.38 -4.66
N GLU A 304 -14.36 -5.29 -4.77
CA GLU A 304 -12.99 -4.98 -4.32
C GLU A 304 -11.95 -5.66 -5.22
N TYR A 305 -12.38 -6.55 -6.11
CA TYR A 305 -11.52 -7.05 -7.18
C TYR A 305 -11.82 -6.37 -8.51
N LEU A 306 -13.09 -6.34 -8.91
CA LEU A 306 -13.46 -5.62 -10.12
C LEU A 306 -13.49 -4.11 -9.91
N PHE A 307 -13.86 -3.66 -8.72
CA PHE A 307 -14.02 -2.23 -8.43
C PHE A 307 -13.23 -1.85 -7.19
N PRO A 308 -11.92 -1.61 -7.31
CA PRO A 308 -11.18 -1.04 -6.18
C PRO A 308 -11.30 0.48 -6.17
N LEU A 309 -10.74 1.08 -5.13
CA LEU A 309 -10.92 2.50 -4.85
C LEU A 309 -9.72 3.30 -5.34
N LEU A 310 -9.98 4.31 -6.17
CA LEU A 310 -8.98 5.25 -6.62
C LEU A 310 -9.53 6.66 -6.46
N LYS A 311 -8.72 7.56 -5.90
CA LYS A 311 -9.13 8.93 -5.67
C LYS A 311 -8.63 9.82 -6.80
N ILE A 312 -9.52 10.69 -7.29
CA ILE A 312 -9.21 11.63 -8.36
C ILE A 312 -9.39 13.04 -7.81
N PRO A 313 -8.34 13.85 -7.74
CA PRO A 313 -8.50 15.28 -7.41
C PRO A 313 -9.19 16.02 -8.55
N PRO A 314 -9.86 17.13 -8.27
CA PRO A 314 -10.45 17.93 -9.36
C PRO A 314 -9.40 18.59 -10.23
N ASP A 315 -9.76 18.75 -11.51
CA ASP A 315 -8.88 19.19 -12.61
C ASP A 315 -7.63 18.32 -12.73
N CYS A 316 -7.82 17.01 -12.66
CA CYS A 316 -6.75 16.04 -12.85
C CYS A 316 -7.16 15.03 -13.91
N THR A 317 -6.17 14.37 -14.50
CA THR A 317 -6.38 13.38 -15.55
C THR A 317 -5.74 12.06 -15.14
N THR A 318 -6.21 10.99 -15.75
CA THR A 318 -5.69 9.65 -15.51
C THR A 318 -4.79 9.24 -16.66
N GLU A 319 -3.73 8.49 -16.35
CA GLU A 319 -2.87 7.95 -17.38
C GLU A 319 -2.43 6.54 -16.99
N LEU A 320 -2.03 5.77 -17.99
CA LEU A 320 -1.47 4.44 -17.76
C LEU A 320 0.04 4.56 -17.74
N ASN A 321 0.67 3.92 -16.75
CA ASN A 321 2.12 3.99 -16.62
C ASN A 321 2.79 2.97 -17.55
N HIS A 322 4.11 2.81 -17.42
CA HIS A 322 4.87 1.95 -18.31
C HIS A 322 4.70 0.47 -18.02
N HIS A 323 4.10 0.09 -16.88
CA HIS A 323 3.86 -1.32 -16.61
C HIS A 323 2.65 -1.85 -17.38
N ALA A 324 1.62 -1.03 -17.57
CA ALA A 324 0.44 -1.48 -18.32
C ALA A 324 0.72 -1.52 -19.81
N TYR A 325 1.64 -0.68 -20.29
CA TYR A 325 2.02 -0.62 -21.70
C TYR A 325 3.01 -1.71 -22.11
N LEU A 326 3.35 -2.63 -21.20
CA LEU A 326 3.98 -3.89 -21.55
C LEU A 326 3.01 -5.06 -21.47
N PHE A 327 2.05 -4.99 -20.54
CA PHE A 327 1.04 -6.04 -20.40
C PHE A 327 0.08 -6.05 -21.58
N LEU A 328 -0.33 -4.87 -22.06
CA LEU A 328 -1.19 -4.81 -23.23
C LEU A 328 -0.48 -5.24 -24.51
N GLN A 329 0.82 -4.95 -24.61
CA GLN A 329 1.63 -5.36 -25.75
C GLN A 329 1.86 -6.86 -25.73
N SER A 330 2.01 -7.44 -24.54
CA SER A 330 2.14 -8.89 -24.42
C SER A 330 0.82 -9.59 -24.71
N THR A 331 -0.32 -8.96 -24.38
CA THR A 331 -1.62 -9.51 -24.77
C THR A 331 -1.81 -9.49 -26.29
N PHE A 332 -1.40 -8.40 -26.96
CA PHE A 332 -1.48 -8.32 -28.41
C PHE A 332 -0.55 -9.33 -29.09
N ASP A 333 0.66 -9.50 -28.56
CA ASP A 333 1.58 -10.48 -29.11
C ASP A 333 1.19 -11.91 -28.76
N LYS A 334 0.39 -12.11 -27.71
CA LYS A 334 -0.12 -13.43 -27.40
C LYS A 334 -1.25 -13.82 -28.35
N HIS A 335 -2.16 -12.88 -28.65
CA HIS A 335 -3.38 -13.23 -29.37
C HIS A 335 -3.31 -12.99 -30.88
N ASP A 336 -2.15 -12.62 -31.42
CA ASP A 336 -1.99 -12.45 -32.86
C ASP A 336 -1.27 -13.68 -33.40
N LEU A 337 -2.05 -14.69 -33.80
CA LEU A 337 -1.49 -15.99 -34.15
C LEU A 337 -0.80 -16.00 -35.52
N ASP A 338 -1.37 -15.30 -36.50
CA ASP A 338 -0.83 -15.33 -37.86
C ASP A 338 0.28 -14.32 -38.10
N ARG A 339 0.61 -13.50 -37.08
CA ARG A 339 1.73 -12.53 -37.08
C ARG A 339 1.64 -11.50 -38.20
N ASP A 340 0.43 -11.03 -38.49
CA ASP A 340 0.23 -10.04 -39.54
C ASP A 340 0.15 -8.61 -39.01
N CYS A 341 0.39 -8.43 -37.69
CA CYS A 341 0.27 -7.16 -36.95
C CYS A 341 -1.13 -6.54 -37.11
N ALA A 342 -2.15 -7.40 -37.06
CA ALA A 342 -3.53 -6.97 -37.16
C ALA A 342 -4.41 -8.00 -36.46
N LEU A 343 -5.55 -7.55 -35.94
CA LEU A 343 -6.49 -8.41 -35.23
C LEU A 343 -7.72 -8.66 -36.09
N SER A 344 -7.89 -9.91 -36.50
CA SER A 344 -9.11 -10.33 -37.18
C SER A 344 -10.27 -10.41 -36.18
N PRO A 345 -11.52 -10.38 -36.65
CA PRO A 345 -12.66 -10.65 -35.74
C PRO A 345 -12.66 -12.03 -35.09
N ASP A 346 -12.01 -13.04 -35.69
CA ASP A 346 -11.83 -14.31 -35.01
C ASP A 346 -10.88 -14.18 -33.81
N GLU A 347 -9.76 -13.47 -33.98
CA GLU A 347 -8.85 -13.24 -32.87
C GLU A 347 -9.42 -12.23 -31.88
N LEU A 348 -10.26 -11.31 -32.35
CA LEU A 348 -10.95 -10.40 -31.43
C LEU A 348 -12.02 -11.12 -30.61
N LYS A 349 -12.66 -12.14 -31.21
CA LYS A 349 -13.57 -12.98 -30.43
C LYS A 349 -12.80 -13.88 -29.47
N ASP A 350 -11.58 -14.29 -29.85
CA ASP A 350 -10.73 -15.05 -28.93
C ASP A 350 -10.20 -14.19 -27.80
N LEU A 351 -10.07 -12.88 -28.02
CA LEU A 351 -9.61 -11.98 -26.97
C LEU A 351 -10.67 -11.77 -25.89
N PHE A 352 -11.95 -11.73 -26.27
CA PHE A 352 -13.02 -11.42 -25.34
C PHE A 352 -13.80 -12.66 -24.91
N LYS A 353 -13.14 -13.82 -24.87
CA LYS A 353 -13.75 -15.01 -24.32
C LYS A 353 -13.59 -15.11 -22.80
N VAL A 354 -12.72 -14.28 -22.21
CA VAL A 354 -12.60 -14.22 -20.76
C VAL A 354 -13.50 -13.16 -20.15
N PHE A 355 -14.21 -12.38 -20.97
CA PHE A 355 -15.13 -11.31 -20.62
C PHE A 355 -16.55 -11.86 -20.51
N PRO A 356 -17.38 -11.29 -19.62
CA PRO A 356 -18.79 -11.71 -19.57
C PRO A 356 -19.60 -11.21 -20.74
N TYR A 357 -19.25 -10.04 -21.29
CA TYR A 357 -19.93 -9.47 -22.45
C TYR A 357 -18.87 -8.85 -23.34
N ILE A 358 -19.24 -8.62 -24.60
CA ILE A 358 -18.32 -8.02 -25.57
C ILE A 358 -18.23 -6.53 -25.31
N PRO A 359 -17.03 -6.00 -24.98
CA PRO A 359 -16.94 -4.59 -24.59
C PRO A 359 -16.96 -3.60 -25.75
N TRP A 360 -16.39 -3.98 -26.89
CA TRP A 360 -16.23 -3.08 -28.03
C TRP A 360 -17.26 -3.44 -29.10
N GLY A 361 -18.02 -2.45 -29.54
CA GLY A 361 -18.97 -2.63 -30.60
C GLY A 361 -18.34 -2.38 -31.97
N PRO A 362 -19.17 -2.06 -32.98
CA PRO A 362 -18.62 -1.69 -34.29
C PRO A 362 -18.20 -0.23 -34.38
N ASP A 363 -18.40 0.55 -33.32
CA ASP A 363 -18.05 1.98 -33.32
C ASP A 363 -16.53 2.16 -33.21
N VAL A 364 -15.85 1.19 -32.58
CA VAL A 364 -14.43 1.26 -32.27
C VAL A 364 -13.57 1.22 -33.54
N ASN A 365 -14.00 0.48 -34.56
CA ASN A 365 -13.27 0.38 -35.82
C ASN A 365 -13.26 1.68 -36.62
N ASN A 366 -14.22 2.57 -36.40
CA ASN A 366 -14.19 3.89 -37.00
C ASN A 366 -13.52 4.94 -36.12
N THR A 367 -13.18 4.60 -34.87
CA THR A 367 -12.54 5.53 -33.95
C THR A 367 -11.02 5.47 -34.05
N VAL A 368 -10.46 4.26 -34.07
CA VAL A 368 -9.04 4.07 -34.01
C VAL A 368 -8.51 3.70 -35.39
N CYS A 369 -7.19 3.66 -35.52
CA CYS A 369 -6.54 3.38 -36.80
C CYS A 369 -6.74 1.93 -37.22
N THR A 370 -6.76 1.72 -38.54
CA THR A 370 -7.04 0.40 -39.09
C THR A 370 -6.26 0.20 -40.38
N ASN A 371 -6.21 -1.05 -40.83
CA ASN A 371 -5.53 -1.44 -42.05
C ASN A 371 -6.50 -1.34 -43.24
N GLU A 372 -6.15 -1.97 -44.36
CA GLU A 372 -6.92 -1.87 -45.60
C GLU A 372 -8.27 -2.58 -45.49
N ARG A 373 -8.30 -3.76 -44.86
CA ARG A 373 -9.54 -4.54 -44.80
C ARG A 373 -10.53 -3.98 -43.77
N GLY A 374 -10.04 -3.38 -42.69
CA GLY A 374 -10.94 -2.89 -41.65
C GLY A 374 -10.75 -3.59 -40.32
N TRP A 375 -9.50 -3.99 -40.05
CA TRP A 375 -9.15 -4.69 -38.83
C TRP A 375 -8.33 -3.78 -37.92
N ILE A 376 -8.45 -4.01 -36.61
CA ILE A 376 -7.80 -3.16 -35.62
C ILE A 376 -6.31 -3.49 -35.58
N THR A 377 -5.48 -2.47 -35.73
CA THR A 377 -4.03 -2.64 -35.79
C THR A 377 -3.41 -2.49 -34.39
N TYR A 378 -2.07 -2.43 -34.35
CA TYR A 378 -1.31 -2.30 -33.12
C TYR A 378 -1.57 -0.97 -32.40
N GLN A 379 -1.42 0.14 -33.14
CA GLN A 379 -1.57 1.45 -32.54
C GLN A 379 -3.03 1.76 -32.26
N GLY A 380 -3.95 1.17 -33.03
CA GLY A 380 -5.36 1.26 -32.69
C GLY A 380 -5.71 0.53 -31.41
N PHE A 381 -5.08 -0.63 -31.18
CA PHE A 381 -5.28 -1.38 -29.95
C PHE A 381 -4.71 -0.65 -28.74
N LEU A 382 -3.61 0.09 -28.93
CA LEU A 382 -3.13 0.92 -27.82
C LEU A 382 -3.98 2.18 -27.63
N SER A 383 -4.47 2.77 -28.73
CA SER A 383 -5.20 4.04 -28.66
C SER A 383 -6.61 3.86 -28.11
N GLN A 384 -7.21 2.67 -28.29
CA GLN A 384 -8.50 2.43 -27.65
C GLN A 384 -8.35 2.27 -26.14
N TRP A 385 -7.25 1.66 -25.68
CA TRP A 385 -6.97 1.58 -24.26
C TRP A 385 -6.48 2.90 -23.68
N THR A 386 -6.05 3.86 -24.51
CA THR A 386 -5.71 5.19 -24.04
C THR A 386 -6.92 6.14 -24.27
N LEU A 387 -8.11 5.58 -24.41
CA LEU A 387 -9.35 6.34 -24.53
C LEU A 387 -10.35 6.00 -23.44
N THR A 388 -10.42 4.73 -23.03
CA THR A 388 -11.28 4.32 -21.92
C THR A 388 -10.76 4.87 -20.59
N THR A 389 -9.43 4.92 -20.44
CA THR A 389 -8.82 5.38 -19.20
C THR A 389 -9.00 6.89 -19.00
N TYR A 390 -9.04 7.65 -20.10
CA TYR A 390 -9.21 9.10 -20.00
C TYR A 390 -10.64 9.49 -19.62
N LEU A 391 -11.64 8.78 -20.15
CA LEU A 391 -13.03 9.18 -19.98
C LEU A 391 -13.63 8.62 -18.69
N ASP A 392 -13.69 7.30 -18.57
CA ASP A 392 -14.26 6.63 -17.40
C ASP A 392 -13.29 5.58 -16.88
N VAL A 393 -12.60 5.91 -15.78
CA VAL A 393 -11.47 5.12 -15.31
C VAL A 393 -11.92 3.81 -14.64
N GLN A 394 -13.15 3.77 -14.10
CA GLN A 394 -13.65 2.57 -13.43
C GLN A 394 -13.92 1.44 -14.41
N ARG A 395 -14.29 1.78 -15.65
CA ARG A 395 -14.44 0.75 -16.68
C ARG A 395 -13.09 0.19 -17.09
N CYS A 396 -12.03 0.99 -17.05
CA CYS A 396 -10.69 0.49 -17.37
C CYS A 396 -10.14 -0.38 -16.25
N LEU A 397 -10.39 -0.05 -14.99
CA LEU A 397 -10.00 -0.95 -13.91
C LEU A 397 -10.90 -2.19 -13.83
N GLU A 398 -12.12 -2.11 -14.36
CA GLU A 398 -12.92 -3.34 -14.48
C GLU A 398 -12.37 -4.23 -15.60
N TYR A 399 -11.98 -3.63 -16.73
CA TYR A 399 -11.59 -4.40 -17.90
C TYR A 399 -10.21 -5.04 -17.73
N LEU A 400 -9.33 -4.43 -16.94
CA LEU A 400 -8.05 -5.05 -16.63
C LEU A 400 -8.19 -6.16 -15.59
N GLY A 401 -9.27 -6.16 -14.81
CA GLY A 401 -9.47 -7.23 -13.84
C GLY A 401 -9.92 -8.53 -14.44
N TYR A 402 -10.58 -8.49 -15.61
CA TYR A 402 -10.96 -9.71 -16.30
C TYR A 402 -9.74 -10.42 -16.89
N LEU A 403 -8.79 -9.64 -17.42
CA LEU A 403 -7.60 -10.23 -18.02
C LEU A 403 -6.58 -10.69 -16.98
N GLY A 404 -6.71 -10.24 -15.73
CA GLY A 404 -5.80 -10.68 -14.69
C GLY A 404 -4.53 -9.87 -14.61
N TYR A 405 -4.65 -8.55 -14.42
CA TYR A 405 -3.48 -7.71 -14.28
C TYR A 405 -2.80 -7.92 -12.92
N SER A 406 -3.58 -8.10 -11.87
CA SER A 406 -3.02 -8.29 -10.54
C SER A 406 -2.42 -9.68 -10.34
N ILE A 407 -2.81 -10.65 -11.16
CA ILE A 407 -2.31 -12.01 -11.02
C ILE A 407 -1.03 -12.23 -11.83
N LEU A 408 -1.06 -11.90 -13.13
CA LEU A 408 0.09 -12.15 -14.00
C LEU A 408 1.26 -11.19 -13.73
N THR A 409 0.99 -10.01 -13.17
CA THR A 409 2.01 -9.15 -12.61
C THR A 409 1.69 -8.98 -11.14
N GLU A 410 2.61 -9.40 -10.28
CA GLU A 410 2.36 -9.50 -8.84
C GLU A 410 2.34 -8.10 -8.23
N GLN A 411 1.13 -7.57 -8.04
CA GLN A 411 0.91 -6.24 -7.48
C GLN A 411 -0.27 -6.33 -6.52
N GLU A 412 -0.58 -5.21 -5.87
CA GLU A 412 -1.59 -5.23 -4.81
C GLU A 412 -3.01 -5.26 -5.37
N SER A 413 -3.26 -4.58 -6.50
CA SER A 413 -4.61 -4.41 -7.05
C SER A 413 -4.48 -3.96 -8.50
N GLN A 414 -5.62 -3.61 -9.10
CA GLN A 414 -5.65 -3.04 -10.44
C GLN A 414 -5.35 -1.54 -10.46
N ALA A 415 -5.32 -0.89 -9.30
CA ALA A 415 -5.17 0.55 -9.22
C ALA A 415 -3.71 1.01 -9.29
N SER A 416 -2.76 0.09 -9.37
CA SER A 416 -1.35 0.45 -9.49
C SER A 416 -0.94 0.75 -10.94
N ALA A 417 -1.84 0.56 -11.90
CA ALA A 417 -1.53 0.85 -13.30
C ALA A 417 -1.85 2.29 -13.68
N VAL A 418 -2.71 2.97 -12.93
CA VAL A 418 -3.16 4.32 -13.26
C VAL A 418 -2.42 5.33 -12.39
N THR A 419 -1.79 6.31 -13.03
CA THR A 419 -1.15 7.42 -12.36
C THR A 419 -1.95 8.70 -12.61
N VAL A 420 -1.91 9.60 -11.64
CA VAL A 420 -2.64 10.86 -11.67
C VAL A 420 -1.63 11.99 -11.85
N THR A 421 -1.87 12.83 -12.85
CA THR A 421 -0.92 13.88 -13.22
C THR A 421 -1.17 15.14 -12.40
N ARG A 422 -0.54 16.25 -12.80
CA ARG A 422 -0.63 17.51 -12.09
C ARG A 422 -1.97 18.20 -12.36
N ASP A 423 -2.23 19.24 -11.58
CA ASP A 423 -3.34 20.14 -11.85
C ASP A 423 -3.05 20.99 -13.09
N LYS A 424 -4.13 21.48 -13.72
CA LYS A 424 -3.99 22.36 -14.87
C LYS A 424 -3.44 23.72 -14.49
N LYS A 425 -3.92 24.28 -13.36
CA LYS A 425 -3.61 25.66 -12.97
C LYS A 425 -2.16 25.81 -12.53
N ILE A 426 -1.60 24.79 -11.87
CA ILE A 426 -0.19 24.77 -11.52
C ILE A 426 0.67 24.66 -12.78
N ASP A 427 0.16 23.98 -13.82
CA ASP A 427 0.90 23.85 -15.07
C ASP A 427 0.90 25.16 -15.86
N LEU A 428 -0.19 25.93 -15.82
CA LEU A 428 -0.11 27.28 -16.38
C LEU A 428 0.70 28.24 -15.51
N GLN A 429 0.77 27.98 -14.19
CA GLN A 429 1.54 28.87 -13.32
C GLN A 429 3.05 28.68 -13.51
N LYS A 430 3.51 27.43 -13.57
CA LYS A 430 4.93 27.14 -13.66
C LYS A 430 5.41 26.96 -15.09
N LYS A 431 4.51 27.07 -16.08
CA LYS A 431 4.80 27.07 -17.54
C LYS A 431 5.46 25.78 -18.03
N GLN A 432 5.26 24.67 -17.33
CA GLN A 432 5.80 23.38 -17.74
C GLN A 432 4.72 22.31 -17.60
N THR A 433 4.68 21.40 -18.57
CA THR A 433 3.71 20.31 -18.58
C THR A 433 4.45 18.99 -18.73
N GLN A 434 3.97 17.97 -18.01
CA GLN A 434 4.49 16.62 -18.13
C GLN A 434 3.44 15.64 -18.62
N ARG A 435 2.40 16.13 -19.28
CA ARG A 435 1.32 15.24 -19.70
C ARG A 435 1.57 14.66 -21.09
N ASN A 436 0.85 13.58 -21.39
CA ASN A 436 0.99 12.84 -22.63
C ASN A 436 -0.27 12.81 -23.49
N VAL A 437 -1.44 13.10 -22.91
CA VAL A 437 -2.72 13.05 -23.60
C VAL A 437 -3.35 14.44 -23.57
N PHE A 438 -3.75 14.95 -24.74
CA PHE A 438 -4.36 16.26 -24.86
C PHE A 438 -5.69 16.16 -25.58
N ARG A 439 -6.71 16.83 -25.04
CA ARG A 439 -8.04 16.84 -25.61
C ARG A 439 -8.27 18.10 -26.44
N CYS A 440 -8.77 17.93 -27.65
CA CYS A 440 -9.19 19.03 -28.50
C CYS A 440 -10.66 18.89 -28.85
N ASN A 441 -11.37 20.02 -28.87
CA ASN A 441 -12.80 20.06 -29.15
C ASN A 441 -13.02 20.67 -30.53
N VAL A 442 -13.84 20.03 -31.35
CA VAL A 442 -14.15 20.53 -32.68
C VAL A 442 -15.56 21.10 -32.66
N ILE A 443 -15.67 22.41 -32.85
CA ILE A 443 -16.94 23.12 -32.86
C ILE A 443 -17.12 23.74 -34.24
N GLY A 444 -18.22 23.39 -34.90
CA GLY A 444 -18.46 23.91 -36.24
C GLY A 444 -19.88 23.68 -36.66
N VAL A 445 -20.24 24.28 -37.80
CA VAL A 445 -21.57 24.15 -38.36
C VAL A 445 -21.70 22.77 -39.00
N LYS A 446 -22.90 22.21 -38.94
CA LYS A 446 -23.25 20.95 -39.59
C LYS A 446 -23.10 21.08 -41.12
N ASN A 447 -22.65 19.98 -41.74
CA ASN A 447 -22.36 19.85 -43.19
C ASN A 447 -21.28 20.83 -43.62
N CYS A 448 -20.16 20.83 -42.88
CA CYS A 448 -18.98 21.62 -43.21
C CYS A 448 -17.70 20.80 -43.16
N GLY A 449 -17.82 19.48 -43.23
CA GLY A 449 -16.65 18.60 -43.20
C GLY A 449 -15.91 18.53 -41.88
N LYS A 450 -16.65 18.47 -40.76
CA LYS A 450 -16.01 18.21 -39.47
C LYS A 450 -15.50 16.77 -39.39
N SER A 451 -16.29 15.81 -39.90
CA SER A 451 -15.86 14.42 -39.93
C SER A 451 -14.76 14.18 -40.96
N GLY A 452 -14.58 15.08 -41.92
CA GLY A 452 -13.37 15.05 -42.73
C GLY A 452 -12.13 15.39 -41.91
N VAL A 453 -12.27 16.29 -40.93
CA VAL A 453 -11.15 16.62 -40.07
C VAL A 453 -10.86 15.48 -39.10
N LEU A 454 -11.91 14.93 -38.46
CA LEU A 454 -11.71 13.85 -37.50
C LEU A 454 -11.33 12.51 -38.14
N GLN A 455 -11.51 12.33 -39.45
CA GLN A 455 -11.01 11.14 -40.11
C GLN A 455 -9.78 11.40 -40.97
N ALA A 456 -9.16 12.58 -40.84
CA ALA A 456 -7.85 12.81 -41.43
C ALA A 456 -6.72 12.54 -40.45
N LEU A 457 -7.03 12.51 -39.15
CA LEU A 457 -6.05 12.08 -38.16
C LEU A 457 -5.74 10.60 -38.27
N LEU A 458 -6.71 9.79 -38.71
CA LEU A 458 -6.57 8.36 -38.86
C LEU A 458 -6.00 7.96 -40.22
N GLY A 459 -5.82 8.91 -41.14
CA GLY A 459 -5.15 8.64 -42.40
C GLY A 459 -6.03 8.21 -43.55
N ARG A 460 -7.33 8.44 -43.49
CA ARG A 460 -8.24 8.08 -44.56
C ARG A 460 -8.70 9.31 -45.33
N ASN A 461 -8.72 9.19 -46.66
CA ASN A 461 -9.18 10.26 -47.54
C ASN A 461 -10.68 10.15 -47.75
N LEU A 462 -11.21 10.91 -48.72
CA LEU A 462 -12.64 10.93 -48.98
C LEU A 462 -13.15 9.65 -49.62
N MET A 463 -12.31 9.00 -50.45
CA MET A 463 -12.70 7.75 -51.09
C MET A 463 -12.78 6.60 -50.08
N ARG A 464 -12.00 6.66 -49.00
CA ARG A 464 -12.20 5.74 -47.88
C ARG A 464 -13.23 6.24 -46.89
N GLN A 465 -13.56 7.54 -46.92
CA GLN A 465 -14.62 8.06 -46.07
C GLN A 465 -15.99 7.67 -46.58
N LYS A 466 -16.14 7.49 -47.90
CA LYS A 466 -17.45 7.23 -48.48
C LYS A 466 -17.95 5.81 -48.21
N LYS A 467 -17.07 4.85 -47.95
CA LYS A 467 -17.49 3.47 -47.74
C LYS A 467 -17.63 3.12 -46.25
N ILE A 468 -18.34 3.95 -45.49
CA ILE A 468 -18.71 3.61 -44.12
C ILE A 468 -20.21 3.82 -43.99
N ARG A 469 -20.80 3.09 -43.05
CA ARG A 469 -22.23 3.23 -42.80
C ARG A 469 -22.51 4.35 -41.82
N GLU A 470 -23.65 5.01 -42.01
CA GLU A 470 -24.08 6.05 -41.08
C GLU A 470 -24.59 5.49 -39.76
N ASP A 471 -24.98 4.21 -39.74
CA ASP A 471 -25.44 3.58 -38.51
C ASP A 471 -24.28 3.35 -37.54
N HIS A 472 -23.08 3.13 -38.05
CA HIS A 472 -21.88 2.97 -37.24
C HIS A 472 -21.02 4.22 -37.45
N LYS A 473 -21.30 5.26 -36.65
CA LYS A 473 -20.65 6.55 -36.80
C LYS A 473 -20.07 6.98 -35.46
N SER A 474 -18.92 7.65 -35.51
CA SER A 474 -18.18 8.01 -34.32
C SER A 474 -18.15 9.53 -34.14
N TYR A 475 -18.07 9.95 -32.88
CA TYR A 475 -17.80 11.34 -32.52
C TYR A 475 -16.42 11.56 -31.94
N TYR A 476 -15.71 10.50 -31.59
CA TYR A 476 -14.40 10.57 -30.96
C TYR A 476 -13.33 10.02 -31.88
N ALA A 477 -12.16 10.64 -31.86
CA ALA A 477 -11.00 10.14 -32.58
C ALA A 477 -9.75 10.32 -31.73
N ILE A 478 -8.78 9.43 -31.89
CA ILE A 478 -7.52 9.50 -31.14
C ILE A 478 -6.43 8.84 -31.98
N ASN A 479 -5.27 9.52 -32.06
CA ASN A 479 -4.11 8.97 -32.75
C ASN A 479 -2.84 9.62 -32.20
N THR A 480 -1.70 9.00 -32.51
CA THR A 480 -0.42 9.53 -32.08
C THR A 480 0.05 10.64 -33.00
N VAL A 481 0.67 11.64 -32.39
CA VAL A 481 1.27 12.78 -33.09
C VAL A 481 2.71 12.91 -32.62
N TYR A 482 3.65 12.94 -33.57
CA TYR A 482 5.07 13.12 -33.28
C TYR A 482 5.38 14.61 -33.42
N VAL A 483 5.78 15.25 -32.34
CA VAL A 483 6.29 16.62 -32.44
C VAL A 483 7.60 16.72 -31.66
N TYR A 484 8.61 17.32 -32.32
CA TYR A 484 9.99 17.52 -31.85
C TYR A 484 10.68 16.21 -31.47
N GLY A 485 10.35 15.12 -32.17
CA GLY A 485 10.87 13.81 -31.87
C GLY A 485 10.14 13.05 -30.79
N GLN A 486 9.12 13.63 -30.18
CA GLN A 486 8.45 13.01 -29.05
C GLN A 486 7.03 12.58 -29.44
N GLU A 487 6.64 11.39 -28.98
CA GLU A 487 5.37 10.76 -29.34
C GLU A 487 4.29 11.10 -28.31
N LYS A 488 3.17 11.66 -28.77
CA LYS A 488 2.04 11.95 -27.88
C LYS A 488 0.74 11.47 -28.50
N TYR A 489 -0.34 11.70 -27.76
CA TYR A 489 -1.68 11.28 -28.16
C TYR A 489 -2.55 12.52 -28.35
N LEU A 490 -3.26 12.59 -29.47
CA LEU A 490 -4.20 13.66 -29.76
C LEU A 490 -5.60 13.07 -29.87
N LEU A 491 -6.55 13.72 -29.20
CA LEU A 491 -7.93 13.28 -29.14
C LEU A 491 -8.82 14.41 -29.66
N LEU A 492 -9.72 14.08 -30.57
CA LEU A 492 -10.66 15.02 -31.17
C LEU A 492 -12.09 14.60 -30.80
N HIS A 493 -12.87 15.57 -30.35
CA HIS A 493 -14.27 15.38 -30.02
C HIS A 493 -15.11 16.31 -30.89
N ASP A 494 -16.16 15.77 -31.50
CA ASP A 494 -17.05 16.54 -32.35
C ASP A 494 -18.25 16.96 -31.51
N ILE A 495 -18.34 18.26 -31.22
CA ILE A 495 -19.49 18.83 -30.54
C ILE A 495 -20.49 19.26 -31.62
N SER A 496 -21.69 18.68 -31.55
CA SER A 496 -22.73 18.98 -32.53
C SER A 496 -23.33 20.36 -32.27
N GLU A 497 -24.04 20.87 -33.28
CA GLU A 497 -24.64 22.20 -33.19
C GLU A 497 -25.87 22.15 -32.30
N SER A 498 -25.88 22.98 -31.26
CA SER A 498 -26.79 22.83 -30.12
C SER A 498 -27.46 24.12 -29.69
N GLU A 499 -26.88 25.27 -30.06
CA GLU A 499 -27.01 26.70 -29.75
C GLU A 499 -26.59 27.03 -28.31
N PHE A 500 -26.28 26.03 -27.48
CA PHE A 500 -25.79 26.29 -26.13
C PHE A 500 -24.89 25.13 -25.72
N LEU A 501 -23.92 25.44 -24.86
CA LEU A 501 -22.89 24.49 -24.46
C LEU A 501 -22.92 24.30 -22.95
N THR A 502 -22.70 23.06 -22.52
CA THR A 502 -22.64 22.71 -21.11
C THR A 502 -21.20 22.87 -20.61
N GLU A 503 -20.95 22.46 -19.35
CA GLU A 503 -19.64 22.65 -18.74
C GLU A 503 -18.60 21.68 -19.32
N ALA A 504 -19.01 20.44 -19.62
CA ALA A 504 -18.09 19.43 -20.15
C ALA A 504 -17.67 19.72 -21.59
N GLU A 505 -18.40 20.58 -22.30
CA GLU A 505 -18.01 21.07 -23.61
C GLU A 505 -17.18 22.34 -23.54
N ILE A 506 -16.80 22.78 -22.33
CA ILE A 506 -15.91 23.93 -22.16
C ILE A 506 -14.53 23.38 -21.79
N ILE A 507 -14.51 22.26 -21.08
CA ILE A 507 -13.27 21.67 -20.57
C ILE A 507 -12.49 21.04 -21.72
N CYS A 508 -11.34 21.62 -22.03
CA CYS A 508 -10.48 21.20 -23.14
C CYS A 508 -9.10 21.80 -22.89
N ASP A 509 -8.22 21.64 -23.87
CA ASP A 509 -6.92 22.28 -23.88
C ASP A 509 -6.74 23.23 -25.06
N VAL A 510 -7.14 22.81 -26.26
CA VAL A 510 -7.29 23.67 -27.42
C VAL A 510 -8.62 23.34 -28.07
N VAL A 511 -9.07 24.23 -28.95
CA VAL A 511 -10.19 23.91 -29.83
C VAL A 511 -9.76 24.17 -31.27
N CYS A 512 -10.53 23.60 -32.20
CA CYS A 512 -10.32 23.77 -33.63
C CYS A 512 -11.62 24.26 -34.23
N LEU A 513 -11.81 25.58 -34.25
CA LEU A 513 -12.99 26.18 -34.85
C LEU A 513 -12.85 26.13 -36.37
N VAL A 514 -13.79 25.45 -37.02
CA VAL A 514 -13.75 25.27 -38.47
C VAL A 514 -14.88 26.09 -39.09
N TYR A 515 -14.61 26.70 -40.23
CA TYR A 515 -15.62 27.42 -40.99
C TYR A 515 -15.67 26.84 -42.41
N ASP A 516 -16.71 27.22 -43.14
CA ASP A 516 -16.90 26.78 -44.51
C ASP A 516 -16.54 27.92 -45.45
N VAL A 517 -15.70 27.62 -46.44
CA VAL A 517 -15.40 28.62 -47.46
C VAL A 517 -16.47 28.68 -48.54
N SER A 518 -17.36 27.68 -48.61
CA SER A 518 -18.47 27.73 -49.55
C SER A 518 -19.70 28.41 -48.96
N ASN A 519 -19.84 28.37 -47.63
CA ASN A 519 -20.98 28.98 -46.97
C ASN A 519 -20.56 30.29 -46.32
N PRO A 520 -21.13 31.44 -46.72
CA PRO A 520 -20.75 32.71 -46.09
C PRO A 520 -21.23 32.87 -44.65
N LYS A 521 -22.23 32.08 -44.23
CA LYS A 521 -22.83 32.25 -42.90
C LYS A 521 -21.96 31.67 -41.79
N SER A 522 -21.12 30.67 -42.13
CA SER A 522 -20.54 29.73 -41.15
C SER A 522 -19.58 30.41 -40.18
N PHE A 523 -18.77 31.35 -40.67
CA PHE A 523 -17.82 32.09 -39.82
C PHE A 523 -18.52 33.03 -38.84
N GLU A 524 -19.82 33.31 -39.03
CA GLU A 524 -20.64 33.87 -37.95
C GLU A 524 -20.62 32.96 -36.73
N TYR A 525 -21.10 31.71 -36.89
CA TYR A 525 -21.54 30.87 -35.77
C TYR A 525 -20.38 30.46 -34.87
N CYS A 526 -19.27 30.02 -35.48
CA CYS A 526 -18.08 29.63 -34.73
C CYS A 526 -17.50 30.81 -33.97
N ALA A 527 -17.49 32.01 -34.60
CA ALA A 527 -17.03 33.20 -33.89
C ALA A 527 -18.01 33.60 -32.81
N ARG A 528 -19.31 33.30 -33.04
CA ARG A 528 -20.33 33.46 -32.01
C ARG A 528 -20.04 32.56 -30.81
N ILE A 529 -19.59 31.32 -31.08
CA ILE A 529 -19.17 30.41 -30.02
C ILE A 529 -17.91 30.94 -29.34
N PHE A 530 -17.04 31.60 -30.12
CA PHE A 530 -15.83 32.22 -29.56
C PHE A 530 -16.16 33.46 -28.73
N LYS A 531 -17.39 34.00 -28.86
CA LYS A 531 -17.81 35.07 -27.97
C LYS A 531 -18.66 34.57 -26.79
N GLN A 532 -19.02 33.28 -26.75
CA GLN A 532 -19.85 32.83 -25.63
C GLN A 532 -19.03 32.51 -24.38
N HIS A 533 -18.17 31.49 -24.46
CA HIS A 533 -17.51 30.99 -23.28
C HIS A 533 -16.01 30.79 -23.42
N PHE A 534 -15.40 31.16 -24.55
CA PHE A 534 -14.06 30.69 -24.86
C PHE A 534 -13.00 31.79 -24.96
N MET A 535 -13.39 33.06 -25.16
CA MET A 535 -12.39 34.11 -25.25
C MET A 535 -11.88 34.49 -23.85
N ASP A 536 -12.77 34.41 -22.84
CA ASP A 536 -12.45 34.92 -21.51
C ASP A 536 -11.46 34.02 -20.78
N SER A 537 -11.58 32.72 -20.95
CA SER A 537 -10.60 31.80 -20.39
C SER A 537 -9.32 31.81 -21.21
N ARG A 538 -8.19 31.52 -20.56
CA ARG A 538 -6.89 31.49 -21.24
C ARG A 538 -6.69 30.12 -21.86
N ILE A 539 -7.35 29.93 -23.00
CA ILE A 539 -7.25 28.70 -23.79
C ILE A 539 -6.75 29.11 -25.18
N PRO A 540 -5.61 28.59 -25.64
CA PRO A 540 -5.19 28.83 -27.02
C PRO A 540 -6.07 28.07 -28.01
N CYS A 541 -6.34 28.71 -29.14
CA CYS A 541 -7.38 28.25 -30.04
C CYS A 541 -6.89 28.39 -31.48
N LEU A 542 -7.44 27.58 -32.37
CA LEU A 542 -7.02 27.56 -33.78
C LEU A 542 -8.23 27.63 -34.70
N ILE A 543 -8.10 28.39 -35.78
CA ILE A 543 -9.12 28.51 -36.82
C ILE A 543 -8.55 27.91 -38.10
N VAL A 544 -9.28 26.96 -38.69
CA VAL A 544 -8.86 26.28 -39.92
C VAL A 544 -9.97 26.45 -40.95
N ALA A 545 -9.59 26.34 -42.23
CA ALA A 545 -10.52 26.44 -43.35
C ALA A 545 -10.67 25.07 -44.01
N ALA A 546 -11.92 24.68 -44.26
CA ALA A 546 -12.25 23.39 -44.84
C ALA A 546 -12.71 23.55 -46.28
N LYS A 547 -12.70 22.42 -47.00
CA LYS A 547 -12.98 22.22 -48.44
C LYS A 547 -12.36 23.31 -49.34
N SER A 548 -11.03 23.38 -49.27
CA SER A 548 -10.28 24.32 -50.10
C SER A 548 -10.15 23.89 -51.55
N ASP A 549 -10.53 22.65 -51.89
CA ASP A 549 -10.53 22.21 -53.27
C ASP A 549 -11.62 22.91 -54.08
N LEU A 550 -12.77 23.18 -53.45
CA LEU A 550 -13.86 23.88 -54.11
C LEU A 550 -13.54 25.37 -54.25
N HIS A 551 -14.31 26.05 -55.10
CA HIS A 551 -14.07 27.45 -55.39
C HIS A 551 -14.54 28.33 -54.24
N GLU A 552 -13.67 29.23 -53.80
CA GLU A 552 -13.94 30.06 -52.64
C GLU A 552 -14.87 31.21 -52.99
N VAL A 553 -15.81 31.51 -52.09
CA VAL A 553 -16.69 32.65 -52.23
C VAL A 553 -16.53 33.54 -51.00
N LYS A 554 -16.78 34.82 -51.18
CA LYS A 554 -16.53 35.81 -50.13
C LYS A 554 -17.61 35.72 -49.05
N GLN A 555 -17.17 35.72 -47.79
CA GLN A 555 -18.09 35.57 -46.66
C GLN A 555 -18.88 36.86 -46.44
N GLU A 556 -20.05 36.70 -45.83
CA GLU A 556 -20.99 37.79 -45.61
C GLU A 556 -20.83 38.46 -44.25
N TYR A 557 -19.82 38.09 -43.48
CA TYR A 557 -19.59 38.70 -42.18
C TYR A 557 -19.02 40.10 -42.37
N SER A 558 -19.13 40.92 -41.31
CA SER A 558 -18.73 42.33 -41.38
C SER A 558 -17.22 42.49 -41.48
N ILE A 559 -16.50 41.96 -40.52
CA ILE A 559 -15.04 41.96 -40.54
C ILE A 559 -14.59 40.71 -41.30
N SER A 560 -13.46 40.81 -42.00
CA SER A 560 -12.88 39.70 -42.74
C SER A 560 -12.42 38.59 -41.78
N PRO A 561 -12.48 37.32 -42.21
CA PRO A 561 -12.02 36.21 -41.33
C PRO A 561 -10.54 36.24 -41.00
N THR A 562 -9.70 36.68 -41.93
CA THR A 562 -8.28 36.86 -41.64
C THR A 562 -8.06 38.03 -40.68
N ASP A 563 -8.85 39.10 -40.83
CA ASP A 563 -8.73 40.26 -39.95
C ASP A 563 -9.29 39.98 -38.56
N PHE A 564 -10.42 39.25 -38.47
CA PHE A 564 -10.96 38.86 -37.17
C PHE A 564 -10.09 37.83 -36.49
N CYS A 565 -9.38 37.00 -37.27
CA CYS A 565 -8.41 36.09 -36.69
C CYS A 565 -7.19 36.85 -36.16
N ARG A 566 -6.62 37.75 -36.97
CA ARG A 566 -5.40 38.45 -36.59
C ARG A 566 -5.63 39.52 -35.52
N LYS A 567 -6.89 39.93 -35.29
CA LYS A 567 -7.16 40.89 -34.23
C LYS A 567 -7.02 40.25 -32.84
N HIS A 568 -7.44 38.99 -32.70
CA HIS A 568 -7.53 38.34 -31.39
C HIS A 568 -6.28 37.54 -31.02
N LYS A 569 -5.09 37.97 -31.48
CA LYS A 569 -3.77 37.39 -31.13
C LYS A 569 -3.64 35.93 -31.51
N MET A 570 -4.25 35.53 -32.62
CA MET A 570 -4.36 34.15 -33.04
C MET A 570 -3.31 33.82 -34.10
N PRO A 571 -2.90 32.55 -34.21
CA PRO A 571 -2.12 32.14 -35.39
C PRO A 571 -2.98 32.22 -36.64
N PRO A 572 -2.37 32.51 -37.81
CA PRO A 572 -3.17 32.78 -39.02
C PRO A 572 -3.81 31.51 -39.56
N PRO A 573 -4.96 31.64 -40.25
CA PRO A 573 -5.77 30.44 -40.55
C PRO A 573 -5.15 29.55 -41.63
N GLN A 574 -5.24 28.24 -41.39
CA GLN A 574 -4.64 27.25 -42.26
C GLN A 574 -5.62 26.85 -43.35
N ALA A 575 -5.22 25.88 -44.17
CA ALA A 575 -6.06 25.36 -45.23
C ALA A 575 -6.07 23.84 -45.15
N PHE A 576 -7.21 23.24 -45.47
CA PHE A 576 -7.36 21.80 -45.40
C PHE A 576 -8.33 21.35 -46.49
N THR A 577 -7.94 20.30 -47.21
CA THR A 577 -8.86 19.57 -48.08
C THR A 577 -8.58 18.08 -47.94
N CYS A 578 -9.64 17.28 -48.05
CA CYS A 578 -9.54 15.83 -47.99
C CYS A 578 -9.80 15.17 -49.33
N ASN A 579 -9.72 15.93 -50.42
CA ASN A 579 -9.98 15.45 -51.76
C ASN A 579 -8.73 14.91 -52.45
N THR A 580 -7.62 14.81 -51.73
CA THR A 580 -6.39 14.29 -52.30
C THR A 580 -6.48 12.78 -52.52
N ALA A 581 -5.68 12.27 -53.46
CA ALA A 581 -5.71 10.85 -53.79
C ALA A 581 -5.02 10.01 -52.72
N ASP A 582 -3.91 10.50 -52.18
CA ASP A 582 -3.15 9.78 -51.16
C ASP A 582 -3.68 10.11 -49.77
N ALA A 583 -2.92 9.77 -48.75
CA ALA A 583 -3.26 10.11 -47.37
C ALA A 583 -3.12 11.62 -47.16
N PRO A 584 -3.99 12.22 -46.33
CA PRO A 584 -3.89 13.66 -46.08
C PRO A 584 -2.68 14.01 -45.22
N SER A 585 -2.28 15.27 -45.31
CA SER A 585 -1.08 15.76 -44.64
C SER A 585 -1.38 16.00 -43.15
N LYS A 586 -0.47 15.54 -42.30
CA LYS A 586 -0.59 15.73 -40.86
C LYS A 586 0.27 16.94 -40.47
N ASP A 587 -0.29 18.13 -40.68
CA ASP A 587 0.42 19.36 -40.38
C ASP A 587 -0.40 20.26 -39.44
N ILE A 588 -1.73 20.16 -39.53
CA ILE A 588 -2.59 20.90 -38.64
C ILE A 588 -2.54 20.33 -37.23
N PHE A 589 -2.47 19.00 -37.11
CA PHE A 589 -2.53 18.33 -35.82
C PHE A 589 -1.23 18.48 -35.04
N VAL A 590 -0.10 18.59 -35.75
CA VAL A 590 1.19 18.88 -35.12
C VAL A 590 1.18 20.27 -34.50
N LYS A 591 0.61 21.25 -35.22
CA LYS A 591 0.47 22.61 -34.71
C LYS A 591 -0.51 22.67 -33.54
N LEU A 592 -1.57 21.86 -33.57
CA LEU A 592 -2.54 21.82 -32.46
C LEU A 592 -1.93 21.20 -31.21
N THR A 593 -1.12 20.13 -31.37
CA THR A 593 -0.39 19.54 -30.24
C THR A 593 0.67 20.50 -29.68
N THR A 594 1.33 21.26 -30.57
CA THR A 594 2.33 22.24 -30.16
C THR A 594 1.71 23.40 -29.38
N MET A 595 0.52 23.84 -29.80
CA MET A 595 -0.21 24.82 -29.01
C MET A 595 -0.80 24.23 -27.74
N ALA A 596 -1.03 22.92 -27.71
CA ALA A 596 -1.53 22.29 -26.49
C ALA A 596 -0.46 22.21 -25.41
N MET A 597 0.81 21.98 -25.81
CA MET A 597 1.87 21.87 -24.81
C MET A 597 2.28 23.22 -24.24
N TYR A 598 2.36 24.25 -25.09
CA TYR A 598 2.93 25.54 -24.73
C TYR A 598 1.89 26.62 -24.95
N PRO A 599 0.98 26.83 -23.98
CA PRO A 599 -0.04 27.87 -24.18
C PRO A 599 0.51 29.28 -24.02
N HIS A 600 1.59 29.45 -23.26
CA HIS A 600 2.23 30.75 -23.11
C HIS A 600 3.10 31.12 -24.31
N VAL A 601 3.54 30.16 -25.10
CA VAL A 601 4.32 30.45 -26.30
C VAL A 601 3.36 30.82 -27.42
N THR A 602 3.32 32.10 -27.76
CA THR A 602 2.65 32.61 -28.94
C THR A 602 3.50 32.20 -30.15
N GLN A 603 2.87 32.03 -31.32
CA GLN A 603 3.57 31.63 -32.54
C GLN A 603 4.61 32.64 -33.02
N ALA A 604 4.50 33.92 -32.61
CA ALA A 604 5.59 34.86 -32.82
C ALA A 604 6.77 34.57 -31.90
N ASP A 605 6.52 34.07 -30.69
CA ASP A 605 7.59 33.80 -29.73
C ASP A 605 8.39 32.55 -30.07
N LEU A 606 7.86 31.68 -30.94
CA LEU A 606 8.58 30.47 -31.35
C LEU A 606 9.74 30.82 -32.29
N LEU B 6 -20.09 -16.77 38.32
CA LEU B 6 -19.43 -17.30 37.13
C LEU B 6 -20.42 -17.78 36.00
N PRO B 7 -20.86 -16.97 34.89
CA PRO B 7 -21.87 -17.56 34.10
C PRO B 7 -21.42 -18.37 32.89
N GLU B 8 -22.38 -18.83 32.08
CA GLU B 8 -22.03 -19.53 30.85
C GLU B 8 -21.60 -18.60 29.73
N LYS B 9 -21.66 -17.28 29.92
CA LYS B 9 -21.04 -16.34 28.99
C LYS B 9 -19.63 -16.13 29.54
N LEU B 10 -18.77 -17.10 29.20
CA LEU B 10 -17.32 -17.09 29.49
C LEU B 10 -16.67 -18.05 28.50
N GLN B 11 -15.96 -17.50 27.52
CA GLN B 11 -15.26 -18.35 26.57
C GLN B 11 -14.01 -18.94 27.21
N ILE B 12 -13.84 -20.25 27.05
CA ILE B 12 -12.64 -20.96 27.50
C ILE B 12 -11.80 -21.25 26.26
N VAL B 13 -10.58 -20.73 26.23
CA VAL B 13 -9.75 -20.76 25.02
C VAL B 13 -8.54 -21.64 25.29
N LYS B 14 -8.38 -22.70 24.50
CA LYS B 14 -7.13 -23.45 24.43
C LYS B 14 -6.12 -22.67 23.59
N PRO B 15 -4.90 -22.46 24.07
CA PRO B 15 -3.89 -21.79 23.25
C PRO B 15 -3.34 -22.71 22.18
N LEU B 16 -2.87 -22.08 21.09
CA LEU B 16 -2.33 -22.84 19.97
C LEU B 16 -0.95 -23.41 20.29
N GLU B 17 -0.08 -22.62 20.92
CA GLU B 17 1.33 -22.97 21.02
C GLU B 17 1.57 -24.04 22.07
N GLY B 18 2.44 -24.99 21.74
CA GLY B 18 2.69 -26.12 22.62
C GLY B 18 1.65 -27.21 22.53
N SER B 19 0.98 -27.36 21.39
CA SER B 19 -0.01 -28.39 21.19
C SER B 19 0.37 -29.24 19.98
N ALA B 20 0.12 -30.55 20.09
CA ALA B 20 0.46 -31.48 19.02
C ALA B 20 -0.72 -31.75 18.09
N THR B 21 -1.93 -31.88 18.66
CA THR B 21 -3.12 -32.13 17.85
C THR B 21 -3.50 -30.91 17.03
N LEU B 22 -3.32 -29.72 17.59
CA LEU B 22 -3.58 -28.49 16.83
C LEU B 22 -2.49 -28.24 15.79
N HIS B 23 -1.27 -28.73 16.05
CA HIS B 23 -0.23 -28.69 15.02
C HIS B 23 -0.54 -29.65 13.87
N HIS B 24 -1.13 -30.81 14.20
CA HIS B 24 -1.60 -31.74 13.17
C HIS B 24 -2.75 -31.14 12.36
N TRP B 25 -3.65 -30.42 13.04
CA TRP B 25 -4.73 -29.69 12.39
C TRP B 25 -4.18 -28.61 11.45
N GLN B 26 -3.13 -27.91 11.89
CA GLN B 26 -2.52 -26.86 11.07
C GLN B 26 -1.80 -27.45 9.86
N GLN B 27 -1.17 -28.62 10.02
CA GLN B 27 -0.46 -29.22 8.90
C GLN B 27 -1.39 -29.89 7.89
N LEU B 28 -2.50 -30.50 8.32
CA LEU B 28 -3.52 -30.92 7.36
C LEU B 28 -4.33 -29.74 6.80
N ALA B 29 -4.28 -28.58 7.44
CA ALA B 29 -5.04 -27.43 6.95
C ALA B 29 -4.39 -26.75 5.75
N GLN B 30 -3.10 -26.97 5.50
CA GLN B 30 -2.41 -26.26 4.42
C GLN B 30 -2.76 -26.88 3.07
N PRO B 31 -3.08 -26.06 2.06
CA PRO B 31 -3.36 -26.61 0.72
C PRO B 31 -2.11 -26.81 -0.10
N HIS B 32 -1.91 -28.04 -0.59
CA HIS B 32 -0.84 -28.34 -1.52
C HIS B 32 -1.35 -29.34 -2.54
N LEU B 33 -0.89 -29.20 -3.79
CA LEU B 33 -1.35 -30.09 -4.85
C LEU B 33 -0.64 -31.44 -4.82
N GLY B 34 0.45 -31.56 -4.06
CA GLY B 34 1.13 -32.84 -3.89
C GLY B 34 0.50 -33.75 -2.84
N GLY B 35 -0.79 -34.02 -2.98
CA GLY B 35 -1.49 -34.98 -2.15
C GLY B 35 -2.28 -35.90 -3.06
N ILE B 36 -1.86 -35.92 -4.33
CA ILE B 36 -2.50 -36.76 -5.33
C ILE B 36 -2.10 -38.23 -5.16
N LEU B 37 -1.00 -38.50 -4.46
CA LEU B 37 -0.53 -39.85 -4.19
C LEU B 37 -0.98 -40.34 -2.82
N ASP B 38 -1.04 -39.42 -1.85
CA ASP B 38 -1.03 -39.74 -0.42
C ASP B 38 -2.37 -40.30 0.04
N PRO B 39 -2.43 -41.51 0.64
CA PRO B 39 -3.72 -42.02 1.14
C PRO B 39 -4.00 -41.49 2.54
N ARG B 40 -5.18 -41.79 3.08
CA ARG B 40 -5.40 -41.61 4.51
C ARG B 40 -6.39 -42.68 4.99
N PRO B 41 -6.11 -43.34 6.11
CA PRO B 41 -6.98 -44.44 6.55
C PRO B 41 -8.25 -43.98 7.24
N GLY B 42 -9.26 -44.84 7.16
CA GLY B 42 -10.39 -44.77 8.06
C GLY B 42 -11.44 -43.72 7.77
N VAL B 43 -11.36 -43.03 6.63
CA VAL B 43 -12.43 -42.14 6.20
C VAL B 43 -12.90 -42.62 4.83
N VAL B 44 -14.20 -42.61 4.62
CA VAL B 44 -14.78 -42.82 3.30
C VAL B 44 -15.62 -41.60 2.96
N THR B 45 -15.37 -41.03 1.78
CA THR B 45 -16.09 -39.84 1.33
C THR B 45 -17.07 -40.22 0.23
N LYS B 46 -17.75 -39.21 -0.31
CA LYS B 46 -18.67 -39.43 -1.42
C LYS B 46 -17.90 -39.60 -2.72
N GLY B 47 -18.21 -40.67 -3.45
CA GLY B 47 -17.51 -40.97 -4.69
C GLY B 47 -16.08 -41.41 -4.51
N PHE B 48 -15.76 -42.09 -3.41
CA PHE B 48 -14.39 -42.44 -3.10
C PHE B 48 -13.90 -43.61 -3.95
N ARG B 49 -12.69 -43.46 -4.50
CA ARG B 49 -12.00 -44.56 -5.15
C ARG B 49 -10.69 -44.85 -4.43
N MET C 20 5.62 -4.30 19.53
CA MET C 20 5.81 -3.38 20.65
C MET C 20 6.03 -4.13 21.96
N LYS C 21 4.95 -4.67 22.52
CA LYS C 21 5.01 -5.41 23.77
C LYS C 21 4.33 -6.77 23.60
N LYS C 22 4.62 -7.67 24.53
CA LYS C 22 4.09 -9.04 24.46
C LYS C 22 2.81 -9.19 25.26
N ASP C 23 2.87 -8.97 26.57
CA ASP C 23 1.72 -9.10 27.45
C ASP C 23 1.98 -8.32 28.73
N VAL C 24 0.90 -8.02 29.44
CA VAL C 24 0.94 -7.30 30.71
C VAL C 24 0.37 -8.20 31.78
N ARG C 25 1.14 -8.44 32.85
CA ARG C 25 0.74 -9.31 33.95
C ARG C 25 0.60 -8.47 35.21
N ILE C 26 -0.62 -8.40 35.75
CA ILE C 26 -0.90 -7.66 36.98
C ILE C 26 -1.05 -8.64 38.12
N LEU C 27 -0.27 -8.43 39.18
CA LEU C 27 -0.28 -9.27 40.37
C LEU C 27 -0.82 -8.49 41.56
N LEU C 28 -1.79 -9.06 42.27
CA LEU C 28 -2.37 -8.45 43.45
C LEU C 28 -1.91 -9.20 44.68
N VAL C 29 -1.40 -8.46 45.67
CA VAL C 29 -0.92 -9.02 46.94
C VAL C 29 -1.61 -8.28 48.08
N GLY C 30 -1.39 -8.78 49.29
CA GLY C 30 -1.90 -8.11 50.47
C GLY C 30 -2.08 -9.09 51.62
N GLU C 31 -2.83 -8.64 52.62
CA GLU C 31 -3.19 -9.35 53.84
C GLU C 31 -4.34 -10.32 53.57
N PRO C 32 -4.48 -11.36 54.40
CA PRO C 32 -5.77 -12.06 54.48
C PRO C 32 -6.89 -11.14 54.92
N ARG C 33 -8.07 -11.39 54.34
CA ARG C 33 -9.34 -10.68 54.60
C ARG C 33 -9.23 -9.18 54.30
N VAL C 34 -8.89 -8.88 53.05
CA VAL C 34 -8.96 -7.52 52.51
C VAL C 34 -9.88 -7.41 51.31
N GLY C 35 -10.42 -8.51 50.81
CA GLY C 35 -11.31 -8.46 49.66
C GLY C 35 -10.61 -8.24 48.33
N LYS C 36 -9.39 -8.74 48.17
CA LYS C 36 -8.68 -8.59 46.90
C LYS C 36 -9.23 -9.51 45.82
N THR C 37 -9.80 -10.66 46.21
CA THR C 37 -10.47 -11.52 45.25
C THR C 37 -11.82 -10.94 44.85
N SER C 38 -12.44 -10.17 45.75
CA SER C 38 -13.76 -9.59 45.51
C SER C 38 -13.73 -8.51 44.44
N LEU C 39 -12.58 -7.82 44.28
CA LEU C 39 -12.44 -6.84 43.20
C LEU C 39 -12.43 -7.52 41.83
N ILE C 40 -11.73 -8.65 41.71
CA ILE C 40 -11.67 -9.39 40.45
C ILE C 40 -13.02 -10.03 40.14
N MET C 41 -13.69 -10.57 41.17
CA MET C 41 -15.03 -11.13 40.98
C MET C 41 -16.08 -10.06 40.68
N SER C 42 -15.93 -8.86 41.23
CA SER C 42 -16.83 -7.77 40.88
C SER C 42 -16.54 -7.20 39.50
N LEU C 43 -15.30 -7.33 39.04
CA LEU C 43 -15.00 -6.95 37.67
C LEU C 43 -15.60 -7.94 36.67
N VAL C 44 -15.51 -9.23 36.95
CA VAL C 44 -15.97 -10.19 35.95
C VAL C 44 -17.48 -10.46 36.07
N SER C 45 -18.09 -10.16 37.23
CA SER C 45 -19.51 -10.40 37.42
C SER C 45 -20.37 -9.15 37.29
N GLU C 46 -19.74 -7.96 37.31
CA GLU C 46 -20.37 -6.63 37.21
C GLU C 46 -21.38 -6.36 38.33
N GLU C 47 -21.18 -7.00 39.48
CA GLU C 47 -22.03 -7.00 40.67
C GLU C 47 -21.27 -7.73 41.77
N PHE C 48 -21.50 -7.34 43.02
CA PHE C 48 -20.80 -7.91 44.18
C PHE C 48 -21.30 -9.33 44.47
N PRO C 49 -20.42 -10.33 44.56
CA PRO C 49 -20.85 -11.62 45.12
C PRO C 49 -20.59 -11.71 46.62
N GLU C 50 -21.60 -12.13 47.37
CA GLU C 50 -21.53 -12.11 48.82
C GLU C 50 -20.65 -13.23 49.38
N GLU C 51 -20.65 -14.40 48.73
CA GLU C 51 -19.80 -15.51 49.10
C GLU C 51 -18.84 -15.79 47.96
N VAL C 52 -17.55 -15.85 48.26
CA VAL C 52 -16.50 -15.92 47.25
C VAL C 52 -15.58 -17.11 47.49
N PRO C 53 -14.96 -17.66 46.45
CA PRO C 53 -13.85 -18.61 46.66
C PRO C 53 -12.61 -17.89 47.16
N PRO C 54 -11.69 -18.59 47.83
CA PRO C 54 -10.48 -17.90 48.35
C PRO C 54 -9.47 -17.49 47.28
N ARG C 55 -9.60 -17.97 46.04
CA ARG C 55 -8.68 -17.56 44.98
C ARG C 55 -9.44 -17.52 43.66
N ALA C 56 -8.95 -16.70 42.75
CA ALA C 56 -9.48 -16.59 41.39
C ALA C 56 -8.47 -17.14 40.39
N GLU C 57 -8.96 -17.48 39.22
CA GLU C 57 -8.09 -17.96 38.15
C GLU C 57 -7.50 -16.80 37.37
N GLU C 58 -6.65 -17.14 36.41
CA GLU C 58 -5.99 -16.14 35.55
C GLU C 58 -6.99 -15.68 34.49
N ILE C 59 -7.84 -14.74 34.88
CA ILE C 59 -8.78 -14.13 33.96
C ILE C 59 -8.03 -13.09 33.14
N THR C 60 -7.99 -13.29 31.83
CA THR C 60 -7.27 -12.40 30.94
C THR C 60 -8.25 -11.60 30.08
N ILE C 61 -7.84 -10.38 29.74
CA ILE C 61 -8.69 -9.39 29.11
C ILE C 61 -8.16 -9.14 27.70
N PRO C 62 -9.02 -9.13 26.67
CA PRO C 62 -8.54 -9.13 25.28
C PRO C 62 -7.96 -7.78 24.87
N ALA C 63 -7.42 -7.76 23.65
CA ALA C 63 -6.62 -6.65 23.16
C ALA C 63 -7.44 -5.54 22.52
N ASP C 64 -8.76 -5.68 22.46
CA ASP C 64 -9.60 -4.66 21.85
C ASP C 64 -10.16 -3.68 22.87
N VAL C 65 -9.57 -3.62 24.07
CA VAL C 65 -10.00 -2.67 25.08
C VAL C 65 -9.05 -1.47 25.13
N THR C 66 -7.85 -1.60 24.57
CA THR C 66 -6.80 -0.59 24.51
C THR C 66 -6.43 -0.39 23.06
N PRO C 67 -6.25 0.85 22.60
CA PRO C 67 -5.82 1.07 21.19
C PRO C 67 -4.42 0.59 20.86
N GLU C 68 -3.58 0.30 21.85
CA GLU C 68 -2.26 -0.25 21.61
C GLU C 68 -2.30 -1.73 21.23
N ARG C 69 -3.43 -2.41 21.50
CA ARG C 69 -3.69 -3.83 21.22
C ARG C 69 -2.67 -4.73 21.93
N VAL C 70 -2.65 -4.65 23.26
CA VAL C 70 -1.78 -5.46 24.09
C VAL C 70 -2.67 -6.17 25.11
N PRO C 71 -2.62 -7.50 25.21
CA PRO C 71 -3.47 -8.20 26.18
C PRO C 71 -2.97 -8.03 27.61
N THR C 72 -3.86 -8.35 28.55
CA THR C 72 -3.64 -8.10 29.96
C THR C 72 -4.06 -9.34 30.76
N HIS C 73 -3.16 -9.83 31.62
CA HIS C 73 -3.44 -10.98 32.47
C HIS C 73 -3.51 -10.53 33.92
N ILE C 74 -4.57 -10.94 34.61
CA ILE C 74 -4.76 -10.64 36.03
C ILE C 74 -4.64 -11.93 36.81
N VAL C 75 -3.75 -11.96 37.80
CA VAL C 75 -3.51 -13.14 38.62
C VAL C 75 -3.65 -12.76 40.09
N ASP C 76 -4.26 -13.64 40.86
CA ASP C 76 -4.47 -13.46 42.30
C ASP C 76 -3.50 -14.33 43.09
N TYR C 77 -3.32 -13.97 44.36
CA TYR C 77 -2.51 -14.75 45.27
C TYR C 77 -3.18 -14.80 46.64
N SER C 78 -3.19 -15.97 47.26
CA SER C 78 -3.61 -16.15 48.63
C SER C 78 -2.54 -16.96 49.37
N GLU C 79 -2.32 -16.63 50.64
CA GLU C 79 -1.23 -17.26 51.39
C GLU C 79 -1.58 -18.69 51.78
N ALA C 80 -2.87 -18.99 51.96
CA ALA C 80 -3.27 -20.32 52.42
C ALA C 80 -3.16 -21.36 51.31
N GLU C 81 -3.35 -20.97 50.05
CA GLU C 81 -3.36 -21.91 48.93
C GLU C 81 -2.03 -21.98 48.19
N GLN C 82 -1.13 -21.03 48.41
CA GLN C 82 0.14 -20.95 47.68
C GLN C 82 1.30 -21.19 48.64
N SER C 83 2.52 -21.13 48.07
CA SER C 83 3.74 -21.35 48.81
C SER C 83 4.69 -20.19 48.57
N ASP C 84 5.82 -20.20 49.30
CA ASP C 84 6.78 -19.10 49.24
C ASP C 84 7.61 -19.14 47.95
N GLU C 85 7.95 -20.34 47.48
CA GLU C 85 8.66 -20.49 46.21
C GLU C 85 7.77 -20.08 45.04
N GLN C 86 6.49 -20.44 45.11
CA GLN C 86 5.51 -20.02 44.10
C GLN C 86 5.30 -18.51 44.12
N LEU C 87 5.28 -17.91 45.32
CA LEU C 87 5.15 -16.46 45.46
C LEU C 87 6.37 -15.73 44.90
N HIS C 88 7.57 -16.27 45.15
CA HIS C 88 8.79 -15.69 44.60
C HIS C 88 8.85 -15.83 43.08
N GLN C 89 8.32 -16.94 42.55
CA GLN C 89 8.31 -17.13 41.10
C GLN C 89 7.31 -16.20 40.42
N GLU C 90 6.12 -16.01 41.00
CA GLU C 90 5.15 -15.09 40.41
C GLU C 90 5.54 -13.62 40.60
N ILE C 91 6.27 -13.30 41.66
CA ILE C 91 6.79 -11.94 41.79
C ILE C 91 7.93 -11.71 40.78
N SER C 92 8.75 -12.73 40.54
CA SER C 92 9.77 -12.66 39.49
C SER C 92 9.15 -12.61 38.10
N GLN C 93 8.01 -13.27 37.89
CA GLN C 93 7.32 -13.25 36.60
C GLN C 93 6.14 -12.28 36.71
N ALA C 94 6.45 -10.98 36.65
CA ALA C 94 5.45 -9.94 36.78
C ALA C 94 5.93 -8.68 36.08
N ASN C 95 5.05 -7.67 36.02
CA ASN C 95 5.41 -6.38 35.46
C ASN C 95 4.98 -5.24 36.37
N VAL C 96 3.90 -5.44 37.12
CA VAL C 96 3.35 -4.42 38.01
C VAL C 96 2.66 -5.13 39.18
N ILE C 97 2.83 -4.57 40.38
CA ILE C 97 2.31 -5.17 41.61
C ILE C 97 1.41 -4.14 42.29
N CYS C 98 0.21 -4.58 42.66
CA CYS C 98 -0.73 -3.77 43.42
C CYS C 98 -0.82 -4.32 44.84
N ILE C 99 -0.57 -3.46 45.83
CA ILE C 99 -0.59 -3.83 47.24
C ILE C 99 -1.86 -3.27 47.86
N VAL C 100 -2.67 -4.15 48.45
CA VAL C 100 -4.01 -3.81 48.92
C VAL C 100 -3.99 -3.71 50.43
N TYR C 101 -4.47 -2.59 50.96
CA TYR C 101 -4.69 -2.44 52.40
C TYR C 101 -6.15 -2.08 52.65
N ALA C 102 -6.62 -2.40 53.86
CA ALA C 102 -7.96 -2.06 54.30
C ALA C 102 -7.88 -0.87 55.25
N VAL C 103 -8.75 0.12 55.05
CA VAL C 103 -8.69 1.33 55.85
C VAL C 103 -9.30 1.17 57.23
N ASN C 104 -10.10 0.11 57.46
CA ASN C 104 -10.64 -0.18 58.79
C ASN C 104 -9.76 -1.18 59.53
N ASN C 105 -8.46 -0.91 59.56
CA ASN C 105 -7.44 -1.79 60.12
C ASN C 105 -6.17 -0.96 60.24
N LYS C 106 -5.28 -1.37 61.15
CA LYS C 106 -3.97 -0.75 61.26
C LYS C 106 -2.81 -1.73 61.10
N HIS C 107 -3.08 -3.04 61.13
CA HIS C 107 -2.03 -4.04 60.93
C HIS C 107 -1.57 -4.09 59.47
N SER C 108 -2.50 -3.82 58.54
CA SER C 108 -2.21 -3.92 57.11
C SER C 108 -1.23 -2.85 56.65
N ILE C 109 -1.41 -1.60 57.12
CA ILE C 109 -0.55 -0.48 56.77
C ILE C 109 0.86 -0.70 57.34
N ASP C 110 0.93 -1.31 58.53
CA ASP C 110 2.21 -1.72 59.11
C ASP C 110 2.88 -2.82 58.28
N LYS C 111 2.09 -3.75 57.72
CA LYS C 111 2.68 -4.87 57.00
C LYS C 111 3.05 -4.48 55.56
N VAL C 112 2.48 -3.37 55.04
CA VAL C 112 2.91 -2.80 53.75
C VAL C 112 4.38 -2.35 53.81
N THR C 113 4.77 -1.64 54.86
CA THR C 113 6.17 -1.24 54.98
C THR C 113 7.02 -2.26 55.72
N SER C 114 6.41 -3.21 56.42
CA SER C 114 7.19 -4.17 57.20
C SER C 114 7.73 -5.29 56.30
N ARG C 115 6.89 -5.88 55.47
CA ARG C 115 7.27 -7.05 54.70
C ARG C 115 7.21 -6.84 53.19
N TRP C 116 6.09 -6.33 52.67
CA TRP C 116 5.73 -6.53 51.26
C TRP C 116 6.60 -5.71 50.30
N ILE C 117 6.83 -4.44 50.62
CA ILE C 117 7.77 -3.62 49.85
C ILE C 117 9.22 -4.10 50.07
N PRO C 118 9.66 -4.54 51.28
CA PRO C 118 10.91 -5.33 51.31
C PRO C 118 10.89 -6.66 50.56
N LEU C 119 9.77 -7.40 50.52
CA LEU C 119 9.81 -8.73 49.92
C LEU C 119 9.77 -8.66 48.39
N ILE C 120 9.18 -7.61 47.83
CA ILE C 120 9.32 -7.36 46.39
C ILE C 120 10.76 -6.99 46.06
N ASN C 121 11.38 -6.17 46.90
CA ASN C 121 12.72 -5.66 46.69
C ASN C 121 13.80 -6.56 47.32
N GLU C 122 13.42 -7.76 47.78
CA GLU C 122 14.39 -8.66 48.42
C GLU C 122 15.30 -9.29 47.37
N ARG C 123 14.71 -9.88 46.33
CA ARG C 123 15.48 -10.55 45.30
C ARG C 123 15.79 -9.63 44.12
N THR C 124 14.98 -8.59 43.92
CA THR C 124 15.10 -7.71 42.77
C THR C 124 16.35 -6.83 42.86
N ASP C 125 17.12 -6.79 41.78
CA ASP C 125 18.32 -5.97 41.72
C ASP C 125 17.95 -4.49 41.60
N LYS C 126 18.92 -3.64 41.94
CA LYS C 126 18.70 -2.19 41.96
C LYS C 126 18.83 -1.53 40.59
N ASP C 127 19.14 -2.31 39.55
CA ASP C 127 19.21 -1.75 38.20
C ASP C 127 17.82 -1.37 37.67
N SER C 128 16.84 -2.25 37.86
CA SER C 128 15.48 -2.00 37.42
C SER C 128 14.50 -2.51 38.45
N ARG C 129 13.48 -1.70 38.75
CA ARG C 129 12.44 -2.07 39.69
C ARG C 129 11.09 -2.07 38.98
N LEU C 130 10.21 -2.96 39.41
CA LEU C 130 8.85 -2.98 38.89
C LEU C 130 8.01 -1.91 39.59
N PRO C 131 7.18 -1.17 38.84
CA PRO C 131 6.35 -0.13 39.47
C PRO C 131 5.24 -0.71 40.34
N LEU C 132 4.86 0.06 41.35
CA LEU C 132 3.93 -0.38 42.37
C LEU C 132 2.70 0.53 42.43
N ILE C 133 1.55 -0.08 42.70
CA ILE C 133 0.29 0.63 42.90
C ILE C 133 -0.19 0.32 44.31
N LEU C 134 -0.69 1.34 45.01
CA LEU C 134 -1.25 1.17 46.34
C LEU C 134 -2.77 1.25 46.26
N VAL C 135 -3.44 0.26 46.85
CA VAL C 135 -4.90 0.11 46.77
C VAL C 135 -5.47 0.22 48.17
N GLY C 136 -6.50 1.05 48.32
CA GLY C 136 -7.20 1.14 49.59
C GLY C 136 -8.64 0.66 49.47
N ASN C 137 -9.00 -0.37 50.23
CA ASN C 137 -10.33 -0.96 50.16
C ASN C 137 -11.11 -0.62 51.42
N LYS C 138 -12.37 -1.10 51.45
CA LYS C 138 -13.33 -0.95 52.57
C LYS C 138 -13.60 0.52 52.93
N SER C 139 -13.64 1.38 51.92
CA SER C 139 -13.89 2.80 52.15
C SER C 139 -15.37 3.13 52.35
N ASP C 140 -16.27 2.18 52.11
CA ASP C 140 -17.68 2.39 52.41
C ASP C 140 -17.97 2.32 53.90
N LEU C 141 -17.11 1.66 54.68
CA LEU C 141 -17.33 1.55 56.12
C LEU C 141 -17.02 2.88 56.82
N VAL C 142 -15.95 3.56 56.40
CA VAL C 142 -15.59 4.83 57.02
C VAL C 142 -16.47 5.95 56.48
N GLU C 143 -16.46 7.09 57.18
CA GLU C 143 -17.30 8.23 56.84
C GLU C 143 -16.51 9.34 56.15
N TYR C 144 -15.42 9.79 56.76
CA TYR C 144 -14.63 10.89 56.23
C TYR C 144 -13.41 10.31 55.53
N SER C 145 -13.25 10.64 54.24
CA SER C 145 -12.10 10.18 53.48
C SER C 145 -10.86 10.94 53.91
N SER C 146 -9.80 10.21 54.26
CA SER C 146 -8.61 10.82 54.82
C SER C 146 -7.40 9.98 54.43
N MET C 147 -6.20 10.51 54.73
CA MET C 147 -4.96 9.91 54.28
C MET C 147 -3.87 10.35 55.26
N GLU C 148 -3.46 9.44 56.16
CA GLU C 148 -2.57 9.81 57.26
C GLU C 148 -1.20 9.15 57.15
N THR C 149 -1.15 7.82 57.09
CA THR C 149 0.09 7.06 57.26
C THR C 149 0.74 6.72 55.92
N ILE C 150 -0.02 6.84 54.82
CA ILE C 150 0.48 6.50 53.49
C ILE C 150 1.51 7.54 53.01
N LEU C 151 1.32 8.81 53.37
CA LEU C 151 2.16 9.92 52.94
C LEU C 151 3.63 9.89 53.39
N PRO C 152 4.02 9.28 54.53
CA PRO C 152 5.44 8.90 54.66
C PRO C 152 5.95 7.91 53.62
N ILE C 153 5.14 6.90 53.28
CA ILE C 153 5.61 5.78 52.46
C ILE C 153 5.83 6.22 51.00
N MET C 154 4.95 7.09 50.48
CA MET C 154 5.19 7.77 49.21
C MET C 154 6.43 8.65 49.26
N ASN C 155 6.73 9.24 50.42
CA ASN C 155 7.98 9.98 50.57
C ASN C 155 9.17 9.06 50.82
N GLN C 156 8.94 7.77 51.11
CA GLN C 156 10.06 6.87 51.40
C GLN C 156 10.60 6.21 50.14
N TYR C 157 9.75 5.48 49.43
CA TYR C 157 10.14 4.77 48.23
C TYR C 157 9.67 5.53 47.00
N THR C 158 10.54 5.62 46.00
CA THR C 158 10.24 6.36 44.78
C THR C 158 9.41 5.56 43.78
N GLU C 159 9.14 4.28 44.04
CA GLU C 159 8.48 3.42 43.06
C GLU C 159 6.96 3.48 43.14
N ILE C 160 6.39 3.89 44.29
CA ILE C 160 4.94 4.05 44.38
C ILE C 160 4.55 5.34 43.67
N GLU C 161 3.65 5.22 42.69
CA GLU C 161 3.25 6.35 41.87
C GLU C 161 1.76 6.70 41.94
N THR C 162 0.89 5.77 42.31
CA THR C 162 -0.54 6.01 42.31
C THR C 162 -1.14 5.34 43.53
N CYS C 163 -2.14 5.98 44.14
CA CYS C 163 -2.67 5.60 45.46
C CYS C 163 -4.20 5.56 45.41
N VAL C 164 -4.74 4.75 44.48
CA VAL C 164 -6.17 4.63 44.24
C VAL C 164 -6.88 4.04 45.46
N GLU C 165 -7.93 4.72 45.91
CA GLU C 165 -8.80 4.23 46.97
C GLU C 165 -10.12 3.80 46.35
N CYS C 166 -10.59 2.61 46.73
CA CYS C 166 -11.71 1.99 46.02
C CYS C 166 -12.64 1.30 47.01
N SER C 167 -13.81 0.92 46.50
CA SER C 167 -14.77 0.10 47.22
C SER C 167 -15.57 -0.70 46.20
N ALA C 168 -15.67 -2.01 46.41
CA ALA C 168 -16.38 -2.86 45.47
C ALA C 168 -17.88 -2.92 45.74
N LYS C 169 -18.33 -2.49 46.92
CA LYS C 169 -19.76 -2.57 47.23
C LYS C 169 -20.54 -1.47 46.51
N ASN C 170 -19.97 -0.28 46.43
CA ASN C 170 -20.57 0.82 45.68
C ASN C 170 -20.09 0.89 44.24
N LEU C 171 -19.25 -0.07 43.82
CA LEU C 171 -18.53 -0.09 42.53
C LEU C 171 -17.73 1.20 42.32
N LYS C 172 -17.04 1.62 43.37
CA LYS C 172 -16.28 2.87 43.35
C LYS C 172 -14.89 2.58 42.81
N ASN C 173 -14.67 2.99 41.54
CA ASN C 173 -13.40 2.93 40.81
C ASN C 173 -12.85 1.50 40.70
N ILE C 174 -13.71 0.60 40.22
CA ILE C 174 -13.29 -0.79 40.00
C ILE C 174 -12.78 -0.98 38.56
N SER C 175 -13.35 -0.25 37.60
CA SER C 175 -12.82 -0.24 36.24
C SER C 175 -11.72 0.80 36.04
N GLU C 176 -11.24 1.43 37.12
CA GLU C 176 -10.17 2.39 37.06
C GLU C 176 -8.87 1.90 37.66
N LEU C 177 -8.91 0.90 38.55
CA LEU C 177 -7.69 0.44 39.21
C LEU C 177 -6.80 -0.34 38.26
N PHE C 178 -7.39 -1.25 37.48
CA PHE C 178 -6.62 -2.08 36.56
C PHE C 178 -6.13 -1.29 35.36
N TYR C 179 -6.85 -0.23 34.96
CA TYR C 179 -6.35 0.67 33.93
C TYR C 179 -5.13 1.45 34.41
N TYR C 180 -5.14 1.91 35.67
CA TYR C 180 -3.98 2.59 36.21
C TYR C 180 -2.83 1.62 36.51
N ALA C 181 -3.12 0.34 36.67
CA ALA C 181 -2.05 -0.65 36.75
C ALA C 181 -1.46 -0.96 35.38
N GLN C 182 -2.30 -0.99 34.34
CA GLN C 182 -1.83 -1.27 32.99
C GLN C 182 -1.07 -0.10 32.39
N LYS C 183 -1.43 1.13 32.78
CA LYS C 183 -0.75 2.34 32.33
C LYS C 183 0.66 2.47 32.92
N ALA C 184 0.95 1.76 34.02
CA ALA C 184 2.31 1.69 34.54
C ALA C 184 3.24 0.96 33.56
N VAL C 185 2.73 -0.05 32.86
CA VAL C 185 3.53 -0.82 31.94
C VAL C 185 3.53 -0.21 30.54
N LEU C 186 2.35 0.13 30.02
CA LEU C 186 2.27 0.57 28.62
C LEU C 186 2.74 2.01 28.42
N HIS C 187 2.46 2.91 29.36
CA HIS C 187 2.78 4.33 29.21
C HIS C 187 3.63 4.79 30.40
N PRO C 188 4.94 4.52 30.37
CA PRO C 188 5.78 4.76 31.55
C PRO C 188 6.07 6.24 31.79
N THR C 189 6.29 6.54 33.07
CA THR C 189 6.71 7.86 33.51
C THR C 189 8.21 7.93 33.79
N GLY C 190 8.92 6.83 33.56
CA GLY C 190 10.35 6.72 33.80
C GLY C 190 11.25 7.61 32.94
N PRO C 191 11.28 7.37 31.61
CA PRO C 191 12.19 8.16 30.76
C PRO C 191 11.79 9.61 30.52
N LEU C 192 10.66 10.09 31.03
CA LEU C 192 10.23 11.46 30.78
C LEU C 192 10.42 12.38 31.98
N TYR C 193 9.95 11.98 33.16
CA TYR C 193 9.87 12.86 34.31
C TYR C 193 10.91 12.50 35.37
N CYS C 194 11.60 13.50 35.87
CA CYS C 194 12.50 13.34 37.00
C CYS C 194 11.82 13.93 38.24
N PRO C 195 11.43 13.12 39.23
CA PRO C 195 10.68 13.66 40.37
C PRO C 195 11.52 14.47 41.36
N GLU C 196 12.85 14.40 41.28
CA GLU C 196 13.69 15.11 42.24
C GLU C 196 13.75 16.60 41.93
N GLU C 197 14.25 16.94 40.74
CA GLU C 197 14.43 18.34 40.36
C GLU C 197 13.15 18.98 39.81
N LYS C 198 12.14 18.16 39.48
CA LYS C 198 10.80 18.59 39.02
C LYS C 198 10.84 19.39 37.72
N GLU C 199 11.60 18.88 36.74
CA GLU C 199 11.41 19.24 35.34
C GLU C 199 11.52 17.98 34.50
N MET C 200 11.43 18.13 33.19
CA MET C 200 11.53 17.02 32.26
C MET C 200 12.98 16.64 32.02
N LYS C 201 13.17 15.41 31.55
CA LYS C 201 14.49 14.97 31.12
C LYS C 201 14.86 15.66 29.80
N PRO C 202 16.15 15.92 29.57
CA PRO C 202 16.55 16.68 28.36
C PRO C 202 16.36 15.94 27.04
N ALA C 203 16.23 14.61 27.06
CA ALA C 203 15.92 13.88 25.84
C ALA C 203 14.49 14.18 25.37
N CYS C 204 13.56 14.34 26.31
CA CYS C 204 12.21 14.76 25.94
C CYS C 204 12.15 16.24 25.58
N ILE C 205 13.06 17.05 26.13
CA ILE C 205 13.14 18.47 25.77
C ILE C 205 13.63 18.63 24.34
N LYS C 206 14.66 17.86 23.96
CA LYS C 206 15.10 17.84 22.56
C LYS C 206 14.11 17.10 21.66
N ALA C 207 13.32 16.19 22.22
CA ALA C 207 12.35 15.44 21.45
C ALA C 207 11.06 16.18 21.19
N LEU C 208 10.84 17.34 21.83
CA LEU C 208 9.63 18.11 21.64
C LEU C 208 9.87 19.45 20.95
N THR C 209 11.12 19.91 20.85
CA THR C 209 11.42 21.08 20.05
C THR C 209 11.31 20.76 18.56
N ARG C 210 11.64 19.53 18.18
CA ARG C 210 11.60 19.12 16.77
C ARG C 210 10.17 18.94 16.28
N ILE C 211 9.26 18.52 17.16
CA ILE C 211 7.84 18.41 16.81
C ILE C 211 7.22 19.80 16.62
N PHE C 212 7.73 20.80 17.35
CA PHE C 212 7.20 22.16 17.26
C PHE C 212 7.54 22.81 15.92
N LYS C 213 8.74 22.55 15.39
CA LYS C 213 9.15 23.19 14.14
C LYS C 213 8.51 22.56 12.91
N ILE C 214 8.19 21.27 12.98
CA ILE C 214 7.51 20.61 11.85
C ILE C 214 6.07 21.08 11.74
N SER C 215 5.36 21.18 12.88
CA SER C 215 3.96 21.58 12.87
C SER C 215 3.77 23.05 12.57
N ASP C 216 4.77 23.89 12.85
CA ASP C 216 4.71 25.30 12.48
C ASP C 216 5.09 25.43 11.01
N GLN C 217 4.17 25.94 10.19
CA GLN C 217 4.32 25.91 8.74
C GLN C 217 4.57 27.29 8.13
N ASP C 218 4.90 28.29 8.94
CA ASP C 218 5.28 29.59 8.40
C ASP C 218 6.44 30.28 9.13
N ASN C 219 7.05 29.62 10.13
CA ASN C 219 8.29 30.01 10.81
C ASN C 219 8.19 31.37 11.52
N ASP C 220 7.00 31.74 11.98
CA ASP C 220 6.86 32.94 12.79
C ASP C 220 7.34 32.74 14.22
N GLY C 221 7.27 31.51 14.71
CA GLY C 221 7.57 31.19 16.09
C GLY C 221 6.36 30.90 16.95
N THR C 222 5.16 30.87 16.37
CA THR C 222 3.92 30.65 17.10
C THR C 222 3.04 29.67 16.35
N LEU C 223 2.13 29.03 17.08
CA LEU C 223 1.11 28.17 16.50
C LEU C 223 -0.23 28.86 16.61
N ASN C 224 -0.88 29.09 15.47
CA ASN C 224 -2.18 29.73 15.44
C ASN C 224 -3.28 28.66 15.48
N ASP C 225 -4.52 29.05 15.20
CA ASP C 225 -5.65 28.13 15.28
C ASP C 225 -5.67 27.14 14.13
N ALA C 226 -5.05 27.48 12.99
CA ALA C 226 -5.08 26.60 11.82
C ALA C 226 -4.15 25.40 12.00
N GLU C 227 -2.95 25.61 12.52
CA GLU C 227 -1.99 24.52 12.67
C GLU C 227 -2.33 23.61 13.86
N LEU C 228 -3.02 24.16 14.86
CA LEU C 228 -3.38 23.36 16.04
C LEU C 228 -4.44 22.32 15.72
N ASN C 229 -5.39 22.64 14.83
CA ASN C 229 -6.40 21.67 14.41
C ASN C 229 -5.78 20.55 13.57
N PHE C 230 -4.76 20.89 12.77
CA PHE C 230 -3.96 19.90 12.05
C PHE C 230 -3.23 18.98 13.01
N PHE C 231 -2.70 19.55 14.11
CA PHE C 231 -2.02 18.77 15.14
C PHE C 231 -2.97 17.83 15.89
N GLN C 232 -4.18 18.32 16.22
CA GLN C 232 -5.20 17.48 16.87
C GLN C 232 -5.71 16.38 15.93
N ARG C 233 -5.84 16.69 14.64
CA ARG C 233 -6.35 15.68 13.70
C ARG C 233 -5.32 14.61 13.41
N ILE C 234 -4.03 14.96 13.41
CA ILE C 234 -3.01 13.95 13.20
C ILE C 234 -2.80 13.12 14.47
N CYS C 235 -2.62 13.78 15.61
CA CYS C 235 -2.17 13.05 16.80
C CYS C 235 -3.31 12.32 17.51
N PHE C 236 -4.35 13.05 17.92
CA PHE C 236 -5.34 12.50 18.84
C PHE C 236 -6.58 11.92 18.16
N ASN C 237 -6.92 12.42 16.96
CA ASN C 237 -8.16 12.23 16.19
C ASN C 237 -9.42 12.79 16.87
N THR C 238 -10.46 13.10 16.05
CA THR C 238 -11.70 13.78 16.41
C THR C 238 -11.40 15.10 17.11
N PRO C 239 -11.02 16.15 16.37
CA PRO C 239 -10.42 17.35 16.99
C PRO C 239 -11.40 18.16 17.83
N LEU C 240 -10.82 19.13 18.55
CA LEU C 240 -11.47 19.76 19.68
C LEU C 240 -12.55 20.75 19.25
N ALA C 241 -13.47 21.02 20.19
CA ALA C 241 -14.48 22.05 20.00
C ALA C 241 -13.83 23.43 19.96
N PRO C 242 -14.42 24.38 19.22
CA PRO C 242 -13.79 25.72 19.12
C PRO C 242 -13.89 26.59 20.36
N GLN C 243 -14.52 26.14 21.45
CA GLN C 243 -14.61 26.94 22.67
C GLN C 243 -13.56 26.56 23.71
N ALA C 244 -13.20 25.28 23.82
CA ALA C 244 -12.30 24.83 24.87
C ALA C 244 -10.84 25.15 24.61
N LEU C 245 -10.48 25.50 23.36
CA LEU C 245 -9.12 25.87 23.04
C LEU C 245 -8.73 27.20 23.68
N GLU C 246 -9.70 28.12 23.82
CA GLU C 246 -9.43 29.32 24.60
C GLU C 246 -9.36 29.05 26.10
N ASP C 247 -9.98 27.97 26.59
CA ASP C 247 -9.78 27.60 28.00
C ASP C 247 -8.39 27.04 28.23
N VAL C 248 -7.88 26.27 27.26
CA VAL C 248 -6.48 25.82 27.26
C VAL C 248 -5.53 27.01 27.24
N LYS C 249 -5.81 27.97 26.36
CA LYS C 249 -4.99 29.17 26.23
C LYS C 249 -5.10 30.06 27.47
N ASN C 250 -6.26 30.08 28.13
CA ASN C 250 -6.44 30.84 29.36
C ASN C 250 -5.66 30.25 30.52
N VAL C 251 -5.65 28.92 30.66
CA VAL C 251 -4.92 28.34 31.80
C VAL C 251 -3.40 28.40 31.58
N VAL C 252 -2.93 28.29 30.33
CA VAL C 252 -1.49 28.45 30.13
C VAL C 252 -1.11 29.95 30.14
N ARG C 253 -2.06 30.85 29.88
CA ARG C 253 -1.80 32.27 30.05
C ARG C 253 -1.74 32.65 31.52
N LYS C 254 -2.56 32.00 32.36
CA LYS C 254 -2.55 32.25 33.80
C LYS C 254 -1.27 31.73 34.44
N HIS C 255 -0.88 30.49 34.14
CA HIS C 255 0.17 29.87 34.94
C HIS C 255 1.58 30.28 34.51
N ILE C 256 1.77 30.85 33.32
CA ILE C 256 3.10 31.31 32.91
C ILE C 256 2.94 32.54 32.03
N SER C 257 3.88 33.49 32.15
CA SER C 257 3.74 34.81 31.53
C SER C 257 4.02 34.80 30.04
N ASP C 258 5.00 34.02 29.59
CA ASP C 258 5.45 34.04 28.19
C ASP C 258 4.79 32.93 27.37
N GLY C 259 3.51 32.70 27.59
CA GLY C 259 2.78 31.62 26.97
C GLY C 259 2.10 32.07 25.69
N VAL C 260 0.79 32.37 25.78
CA VAL C 260 0.00 32.73 24.62
C VAL C 260 0.43 34.10 24.08
N ALA C 261 0.89 34.13 22.84
CA ALA C 261 1.25 35.34 22.13
C ALA C 261 0.02 35.89 21.41
N ASP C 262 0.23 36.79 20.44
CA ASP C 262 -0.86 37.33 19.64
C ASP C 262 -1.47 36.24 18.76
N SER C 263 -0.62 35.45 18.10
CA SER C 263 -1.12 34.37 17.27
C SER C 263 -1.61 33.18 18.09
N GLY C 264 -0.87 32.80 19.13
CA GLY C 264 -1.24 31.66 19.93
C GLY C 264 -0.12 31.09 20.78
N LEU C 265 0.01 29.77 20.80
CA LEU C 265 1.00 29.12 21.64
C LEU C 265 2.41 29.27 21.07
N THR C 266 3.36 29.53 21.96
CA THR C 266 4.77 29.53 21.63
C THR C 266 5.37 28.17 22.00
N LEU C 267 6.70 28.08 21.94
CA LEU C 267 7.39 26.85 22.32
C LEU C 267 7.31 26.61 23.83
N LYS C 268 7.39 27.69 24.62
CA LYS C 268 7.38 27.58 26.07
C LYS C 268 6.01 27.18 26.59
N GLY C 269 4.94 27.68 25.98
CA GLY C 269 3.59 27.25 26.34
C GLY C 269 3.31 25.81 25.94
N PHE C 270 3.86 25.36 24.82
CA PHE C 270 3.76 23.97 24.38
C PHE C 270 4.45 23.03 25.36
N LEU C 271 5.67 23.38 25.77
CA LEU C 271 6.41 22.57 26.73
C LEU C 271 5.78 22.63 28.12
N PHE C 272 5.16 23.76 28.48
CA PHE C 272 4.47 23.87 29.76
C PHE C 272 3.19 23.04 29.79
N LEU C 273 2.45 23.02 28.68
CA LEU C 273 1.26 22.17 28.57
C LEU C 273 1.62 20.70 28.62
N HIS C 274 2.72 20.30 27.98
CA HIS C 274 3.14 18.91 28.04
C HIS C 274 3.70 18.51 29.40
N THR C 275 4.41 19.40 30.10
CA THR C 275 4.86 19.03 31.44
C THR C 275 3.74 19.06 32.47
N LEU C 276 2.68 19.84 32.24
CA LEU C 276 1.53 19.78 33.14
C LEU C 276 0.72 18.52 32.88
N PHE C 277 0.66 18.08 31.61
CA PHE C 277 0.07 16.78 31.29
C PHE C 277 0.88 15.63 31.86
N ILE C 278 2.20 15.80 31.97
CA ILE C 278 3.03 14.81 32.66
C ILE C 278 2.73 14.79 34.16
N GLN C 279 2.76 15.95 34.80
CA GLN C 279 2.73 15.96 36.26
C GLN C 279 1.33 16.05 36.84
N ARG C 280 0.27 15.94 36.01
CA ARG C 280 -1.05 15.71 36.58
C ARG C 280 -1.53 14.27 36.34
N GLY C 281 -0.83 13.50 35.50
CA GLY C 281 -1.06 12.07 35.39
C GLY C 281 -1.55 11.58 34.04
N ARG C 282 -1.95 12.46 33.13
CA ARG C 282 -2.41 12.03 31.81
C ARG C 282 -1.20 11.80 30.92
N HIS C 283 -0.62 10.61 31.05
CA HIS C 283 0.61 10.27 30.34
C HIS C 283 0.37 9.93 28.88
N GLU C 284 -0.83 9.46 28.52
CA GLU C 284 -1.07 8.94 27.17
C GLU C 284 -1.17 10.03 26.11
N THR C 285 -1.49 11.27 26.50
CA THR C 285 -1.67 12.34 25.53
C THR C 285 -0.35 12.79 24.93
N THR C 286 0.74 12.73 25.69
CA THR C 286 2.05 13.03 25.13
C THR C 286 2.74 11.81 24.55
N TRP C 287 2.42 10.60 25.04
CA TRP C 287 3.00 9.39 24.45
C TRP C 287 2.42 9.12 23.07
N THR C 288 1.15 9.47 22.83
CA THR C 288 0.58 9.38 21.49
C THR C 288 1.24 10.38 20.53
N VAL C 289 1.58 11.56 21.05
CA VAL C 289 2.23 12.59 20.23
C VAL C 289 3.65 12.18 19.85
N LEU C 290 4.43 11.71 20.83
CA LEU C 290 5.79 11.24 20.50
C LEU C 290 5.81 9.89 19.78
N ARG C 291 4.74 9.10 19.83
CA ARG C 291 4.73 7.86 19.06
C ARG C 291 4.20 8.04 17.65
N ARG C 292 3.40 9.08 17.40
CA ARG C 292 2.94 9.33 16.02
C ARG C 292 4.07 9.87 15.16
N PHE C 293 4.91 10.75 15.71
CA PHE C 293 5.95 11.38 14.92
C PHE C 293 7.17 10.50 14.72
N GLY C 294 7.26 9.34 15.39
CA GLY C 294 8.26 8.35 15.02
C GLY C 294 9.22 7.88 16.09
N TYR C 295 9.02 8.32 17.33
CA TYR C 295 9.98 8.01 18.38
C TYR C 295 9.60 6.69 19.06
N ASP C 296 10.40 6.31 20.07
CA ASP C 296 10.21 5.04 20.77
C ASP C 296 10.11 5.22 22.28
N ASP C 297 10.24 4.11 23.02
CA ASP C 297 10.31 4.15 24.47
C ASP C 297 11.66 4.62 25.01
N ASP C 298 12.66 4.78 24.15
CA ASP C 298 13.97 5.31 24.54
C ASP C 298 14.21 6.71 23.96
N LEU C 299 13.16 7.34 23.39
CA LEU C 299 13.16 8.71 22.86
C LEU C 299 14.20 8.92 21.74
N ASP C 300 14.25 7.97 20.81
CA ASP C 300 15.05 8.11 19.59
C ASP C 300 14.22 7.67 18.40
N LEU C 301 14.65 8.09 17.22
CA LEU C 301 13.91 7.77 15.99
C LEU C 301 14.15 6.32 15.60
N THR C 302 13.08 5.64 15.21
CA THR C 302 13.04 4.21 15.00
C THR C 302 13.41 3.83 13.57
N PRO C 303 13.89 2.60 13.39
CA PRO C 303 13.82 1.97 12.08
C PRO C 303 12.38 1.67 11.70
N GLU C 304 12.16 1.54 10.37
CA GLU C 304 10.93 1.48 9.55
C GLU C 304 10.30 2.87 9.39
N TYR C 305 10.79 3.87 10.13
CA TYR C 305 10.45 5.27 9.86
C TYR C 305 11.57 5.97 9.11
N LEU C 306 12.80 5.88 9.61
CA LEU C 306 13.94 6.46 8.89
C LEU C 306 14.35 5.61 7.69
N PHE C 307 14.23 4.28 7.79
CA PHE C 307 14.67 3.37 6.74
C PHE C 307 13.55 2.42 6.34
N PRO C 308 12.63 2.85 5.47
CA PRO C 308 11.66 1.90 4.92
C PRO C 308 12.25 1.19 3.70
N LEU C 309 11.47 0.23 3.19
CA LEU C 309 11.96 -0.68 2.16
C LEU C 309 11.48 -0.23 0.79
N LEU C 310 12.43 -0.07 -0.14
CA LEU C 310 12.15 0.23 -1.53
C LEU C 310 12.98 -0.72 -2.40
N LYS C 311 12.34 -1.31 -3.41
CA LYS C 311 13.01 -2.24 -4.30
C LYS C 311 13.46 -1.52 -5.57
N ILE C 312 14.68 -1.78 -5.99
CA ILE C 312 15.27 -1.20 -7.19
C ILE C 312 15.60 -2.34 -8.14
N PRO C 313 14.98 -2.41 -9.32
CA PRO C 313 15.42 -3.36 -10.36
C PRO C 313 16.77 -2.97 -10.92
N PRO C 314 17.54 -3.91 -11.46
CA PRO C 314 18.81 -3.54 -12.10
C PRO C 314 18.60 -2.75 -13.39
N ASP C 315 19.58 -1.88 -13.66
CA ASP C 315 19.56 -0.85 -14.73
C ASP C 315 18.31 0.03 -14.65
N CYS C 316 18.00 0.49 -13.44
CA CYS C 316 16.92 1.43 -13.20
C CYS C 316 17.44 2.62 -12.41
N THR C 317 16.71 3.73 -12.49
CA THR C 317 17.08 4.97 -11.82
C THR C 317 15.93 5.42 -10.93
N THR C 318 16.26 6.24 -9.94
CA THR C 318 15.29 6.80 -9.02
C THR C 318 14.99 8.25 -9.40
N GLU C 319 13.74 8.66 -9.22
CA GLU C 319 13.36 10.05 -9.44
C GLU C 319 12.37 10.48 -8.38
N LEU C 320 12.28 11.79 -8.17
CA LEU C 320 11.28 12.36 -7.28
C LEU C 320 10.08 12.80 -8.11
N ASN C 321 8.89 12.45 -7.64
CA ASN C 321 7.67 12.80 -8.37
C ASN C 321 7.26 14.24 -8.07
N HIS C 322 6.07 14.63 -8.55
CA HIS C 322 5.60 16.00 -8.43
C HIS C 322 5.12 16.36 -7.02
N HIS C 323 4.93 15.37 -6.14
CA HIS C 323 4.53 15.68 -4.77
C HIS C 323 5.70 16.17 -3.93
N ALA C 324 6.90 15.62 -4.16
CA ALA C 324 8.08 16.06 -3.41
C ALA C 324 8.57 17.42 -3.87
N TYR C 325 8.34 17.75 -5.14
CA TYR C 325 8.73 19.02 -5.73
C TYR C 325 7.78 20.17 -5.40
N LEU C 326 6.77 19.93 -4.57
CA LEU C 326 6.02 20.99 -3.90
C LEU C 326 6.38 21.12 -2.43
N PHE C 327 6.72 19.99 -1.79
CA PHE C 327 7.12 20.00 -0.38
C PHE C 327 8.47 20.68 -0.19
N LEU C 328 9.43 20.43 -1.10
CA LEU C 328 10.73 21.09 -1.03
C LEU C 328 10.63 22.58 -1.34
N GLN C 329 9.72 22.97 -2.24
CA GLN C 329 9.49 24.36 -2.56
C GLN C 329 8.81 25.09 -1.42
N SER C 330 7.90 24.40 -0.72
CA SER C 330 7.27 24.98 0.47
C SER C 330 8.25 25.09 1.63
N THR C 331 9.22 24.17 1.73
CA THR C 331 10.29 24.30 2.72
C THR C 331 11.20 25.50 2.44
N PHE C 332 11.54 25.72 1.15
CA PHE C 332 12.35 26.87 0.77
C PHE C 332 11.60 28.18 0.99
N ASP C 333 10.30 28.21 0.67
CA ASP C 333 9.51 29.41 0.90
C ASP C 333 9.19 29.61 2.38
N LYS C 334 9.25 28.56 3.19
CA LYS C 334 9.09 28.72 4.63
C LYS C 334 10.34 29.31 5.27
N HIS C 335 11.52 28.84 4.86
CA HIS C 335 12.76 29.20 5.56
C HIS C 335 13.50 30.38 4.96
N ASP C 336 12.96 31.05 3.95
CA ASP C 336 13.59 32.23 3.36
C ASP C 336 12.87 33.46 3.92
N LEU C 337 13.37 33.98 5.05
CA LEU C 337 12.66 35.03 5.77
C LEU C 337 12.78 36.41 5.10
N ASP C 338 13.95 36.74 4.56
CA ASP C 338 14.16 38.06 3.98
C ASP C 338 13.72 38.18 2.53
N ARG C 339 13.21 37.08 1.93
CA ARG C 339 12.62 37.02 0.58
C ARG C 339 13.58 37.48 -0.52
N ASP C 340 14.86 37.11 -0.39
CA ASP C 340 15.87 37.49 -1.39
C ASP C 340 16.12 36.39 -2.41
N CYS C 341 15.35 35.29 -2.36
CA CYS C 341 15.50 34.07 -3.16
C CYS C 341 16.90 33.47 -3.04
N ALA C 342 17.42 33.46 -1.82
CA ALA C 342 18.74 32.90 -1.52
C ALA C 342 18.76 32.49 -0.06
N LEU C 343 19.57 31.48 0.24
CA LEU C 343 19.70 30.95 1.60
C LEU C 343 21.04 31.38 2.18
N SER C 344 20.98 32.21 3.23
CA SER C 344 22.16 32.56 4.00
C SER C 344 22.57 31.38 4.87
N PRO C 345 23.82 31.36 5.36
CA PRO C 345 24.21 30.33 6.35
C PRO C 345 23.45 30.40 7.68
N ASP C 346 22.88 31.55 8.04
CA ASP C 346 21.98 31.61 9.20
C ASP C 346 20.68 30.86 8.92
N GLU C 347 20.09 31.06 7.73
CA GLU C 347 18.89 30.33 7.37
C GLU C 347 19.19 28.87 7.06
N LEU C 348 20.39 28.58 6.59
CA LEU C 348 20.79 27.18 6.37
C LEU C 348 21.03 26.47 7.70
N LYS C 349 21.50 27.20 8.73
CA LYS C 349 21.58 26.63 10.07
C LYS C 349 20.20 26.47 10.68
N ASP C 350 19.26 27.37 10.34
CA ASP C 350 17.88 27.22 10.79
C ASP C 350 17.18 26.06 10.09
N LEU C 351 17.60 25.71 8.86
CA LEU C 351 17.01 24.59 8.15
C LEU C 351 17.41 23.25 8.76
N PHE C 352 18.64 23.13 9.26
CA PHE C 352 19.15 21.86 9.75
C PHE C 352 19.17 21.80 11.28
N LYS C 353 18.24 22.49 11.94
CA LYS C 353 18.07 22.35 13.37
C LYS C 353 17.17 21.17 13.75
N VAL C 354 16.45 20.60 12.78
CA VAL C 354 15.65 19.40 13.03
C VAL C 354 16.43 18.13 12.73
N PHE C 355 17.66 18.24 12.22
CA PHE C 355 18.58 17.17 11.87
C PHE C 355 19.49 16.85 13.04
N PRO C 356 19.91 15.59 13.19
CA PRO C 356 20.89 15.27 14.24
C PRO C 356 22.29 15.76 13.92
N TYR C 357 22.66 15.82 12.64
CA TYR C 357 23.96 16.32 12.21
C TYR C 357 23.75 17.13 10.95
N ILE C 358 24.73 17.97 10.63
CA ILE C 358 24.66 18.82 9.44
C ILE C 358 24.94 17.97 8.20
N PRO C 359 23.99 17.85 7.26
CA PRO C 359 24.18 16.93 6.13
C PRO C 359 25.09 17.48 5.03
N TRP C 360 25.06 18.78 4.78
CA TRP C 360 25.79 19.39 3.67
C TRP C 360 27.03 20.10 4.21
N GLY C 361 28.19 19.78 3.64
CA GLY C 361 29.42 20.44 3.99
C GLY C 361 29.66 21.68 3.15
N PRO C 362 30.91 22.10 3.03
CA PRO C 362 31.25 23.21 2.12
C PRO C 362 31.43 22.80 0.68
N ASP C 363 31.32 21.50 0.38
CA ASP C 363 31.50 20.99 -0.98
C ASP C 363 30.28 21.32 -1.84
N VAL C 364 29.11 21.44 -1.21
CA VAL C 364 27.82 21.62 -1.89
C VAL C 364 27.74 22.97 -2.59
N ASN C 365 28.36 24.01 -2.01
CA ASN C 365 28.34 25.36 -2.59
C ASN C 365 29.15 25.45 -3.88
N ASN C 366 30.11 24.56 -4.11
CA ASN C 366 30.81 24.49 -5.39
C ASN C 366 30.18 23.51 -6.37
N THR C 367 29.18 22.74 -5.94
CA THR C 367 28.52 21.77 -6.80
C THR C 367 27.32 22.37 -7.51
N VAL C 368 26.48 23.10 -6.78
CA VAL C 368 25.24 23.60 -7.31
C VAL C 368 25.37 25.10 -7.59
N CYS C 369 24.34 25.67 -8.23
CA CYS C 369 24.35 27.06 -8.63
C CYS C 369 24.25 28.00 -7.42
N THR C 370 24.85 29.19 -7.57
CA THR C 370 24.92 30.13 -6.46
C THR C 370 24.86 31.56 -7.00
N ASN C 371 24.64 32.49 -6.08
CA ASN C 371 24.56 33.91 -6.39
C ASN C 371 25.95 34.54 -6.30
N GLU C 372 26.00 35.87 -6.22
CA GLU C 372 27.28 36.60 -6.23
C GLU C 372 28.08 36.38 -4.95
N ARG C 373 27.41 36.36 -3.79
CA ARG C 373 28.13 36.24 -2.53
C ARG C 373 28.61 34.82 -2.26
N GLY C 374 27.88 33.81 -2.72
CA GLY C 374 28.25 32.44 -2.44
C GLY C 374 27.21 31.69 -1.62
N TRP C 375 25.94 32.04 -1.82
CA TRP C 375 24.83 31.46 -1.11
C TRP C 375 24.02 30.56 -2.05
N ILE C 376 23.41 29.53 -1.48
CA ILE C 376 22.67 28.54 -2.26
C ILE C 376 21.34 29.13 -2.69
N THR C 377 21.07 29.10 -3.99
CA THR C 377 19.87 29.70 -4.57
C THR C 377 18.73 28.67 -4.65
N TYR C 378 17.66 29.05 -5.35
CA TYR C 378 16.47 28.22 -5.52
C TYR C 378 16.77 26.95 -6.33
N GLN C 379 17.36 27.13 -7.51
CA GLN C 379 17.63 25.99 -8.38
C GLN C 379 18.78 25.15 -7.87
N GLY C 380 19.69 25.74 -7.11
CA GLY C 380 20.71 24.96 -6.42
C GLY C 380 20.13 24.09 -5.32
N PHE C 381 19.13 24.62 -4.60
CA PHE C 381 18.43 23.85 -3.56
C PHE C 381 17.62 22.71 -4.17
N LEU C 382 17.06 22.90 -5.36
CA LEU C 382 16.40 21.77 -6.01
C LEU C 382 17.41 20.78 -6.61
N SER C 383 18.53 21.28 -7.13
CA SER C 383 19.50 20.42 -7.82
C SER C 383 20.31 19.58 -6.85
N GLN C 384 20.50 20.05 -5.61
CA GLN C 384 21.14 19.20 -4.61
C GLN C 384 20.23 18.05 -4.18
N TRP C 385 18.93 18.31 -4.10
CA TRP C 385 17.98 17.23 -3.81
C TRP C 385 17.72 16.33 -5.02
N THR C 386 18.09 16.75 -6.22
CA THR C 386 18.03 15.88 -7.39
C THR C 386 19.42 15.25 -7.66
N LEU C 387 20.28 15.24 -6.64
CA LEU C 387 21.59 14.60 -6.70
C LEU C 387 21.75 13.49 -5.65
N THR C 388 21.19 13.70 -4.46
CA THR C 388 21.21 12.66 -3.42
C THR C 388 20.32 11.49 -3.81
N THR C 389 19.18 11.77 -4.46
CA THR C 389 18.23 10.73 -4.85
C THR C 389 18.77 9.85 -5.96
N TYR C 390 19.60 10.41 -6.86
CA TYR C 390 20.15 9.63 -7.95
C TYR C 390 21.25 8.68 -7.49
N LEU C 391 22.07 9.10 -6.54
CA LEU C 391 23.25 8.33 -6.16
C LEU C 391 22.92 7.30 -5.07
N ASP C 392 22.48 7.76 -3.90
CA ASP C 392 22.15 6.89 -2.78
C ASP C 392 20.76 7.23 -2.25
N VAL C 393 19.79 6.40 -2.59
CA VAL C 393 18.38 6.72 -2.36
C VAL C 393 17.99 6.59 -0.88
N GLN C 394 18.71 5.75 -0.11
CA GLN C 394 18.39 5.55 1.30
C GLN C 394 18.71 6.78 2.14
N ARG C 395 19.73 7.54 1.73
CA ARG C 395 20.03 8.81 2.40
C ARG C 395 18.95 9.85 2.12
N CYS C 396 18.33 9.80 0.94
CA CYS C 396 17.25 10.73 0.62
C CYS C 396 15.97 10.37 1.36
N LEU C 397 15.67 9.08 1.52
CA LEU C 397 14.52 8.71 2.35
C LEU C 397 14.80 8.88 3.84
N GLU C 398 16.08 8.89 4.25
CA GLU C 398 16.38 9.28 5.63
C GLU C 398 16.21 10.78 5.84
N TYR C 399 16.64 11.58 4.86
CA TYR C 399 16.63 13.04 5.01
C TYR C 399 15.23 13.62 4.93
N LEU C 400 14.34 12.98 4.18
CA LEU C 400 12.95 13.42 4.15
C LEU C 400 12.18 12.99 5.40
N GLY C 401 12.68 12.00 6.13
CA GLY C 401 12.02 11.58 7.36
C GLY C 401 12.25 12.50 8.52
N TYR C 402 13.36 13.25 8.51
CA TYR C 402 13.61 14.24 9.57
C TYR C 402 12.69 15.45 9.41
N LEU C 403 12.43 15.86 8.17
CA LEU C 403 11.57 17.00 7.92
C LEU C 403 10.09 16.68 8.08
N GLY C 404 9.72 15.39 8.07
CA GLY C 404 8.34 15.02 8.25
C GLY C 404 7.53 15.01 6.97
N TYR C 405 7.98 14.23 5.99
CA TYR C 405 7.23 14.12 4.73
C TYR C 405 5.95 13.32 4.90
N SER C 406 6.00 12.25 5.71
CA SER C 406 4.83 11.42 5.92
C SER C 406 3.80 12.05 6.85
N ILE C 407 4.20 13.05 7.64
CA ILE C 407 3.28 13.69 8.57
C ILE C 407 2.57 14.88 7.93
N LEU C 408 3.35 15.81 7.34
CA LEU C 408 2.76 17.03 6.77
C LEU C 408 2.00 16.76 5.48
N THR C 409 2.33 15.70 4.76
CA THR C 409 1.51 15.18 3.67
C THR C 409 1.10 13.77 4.04
N GLU C 410 -0.21 13.53 4.17
CA GLU C 410 -0.74 12.30 4.73
C GLU C 410 -0.56 11.17 3.72
N GLN C 411 0.50 10.38 3.91
CA GLN C 411 0.82 9.25 3.05
C GLN C 411 1.28 8.10 3.94
N GLU C 412 1.58 6.96 3.31
CA GLU C 412 1.87 5.75 4.08
C GLU C 412 3.29 5.77 4.66
N SER C 413 4.27 6.32 3.94
CA SER C 413 5.67 6.27 4.31
C SER C 413 6.43 7.32 3.51
N GLN C 414 7.76 7.29 3.63
CA GLN C 414 8.63 8.16 2.83
C GLN C 414 8.88 7.61 1.43
N ALA C 415 8.51 6.36 1.17
CA ALA C 415 8.81 5.71 -0.10
C ALA C 415 7.82 6.05 -1.21
N SER C 416 6.78 6.84 -0.93
CA SER C 416 5.83 7.25 -1.95
C SER C 416 6.30 8.45 -2.76
N ALA C 417 7.44 9.05 -2.40
CA ALA C 417 7.97 10.19 -3.14
C ALA C 417 8.89 9.77 -4.29
N VAL C 418 9.42 8.56 -4.24
CA VAL C 418 10.39 8.10 -5.24
C VAL C 418 9.71 7.17 -6.22
N THR C 419 9.83 7.49 -7.51
CA THR C 419 9.35 6.65 -8.60
C THR C 419 10.54 6.03 -9.34
N VAL C 420 10.31 4.83 -9.87
CA VAL C 420 11.33 4.07 -10.57
C VAL C 420 10.97 4.05 -12.05
N THR C 421 11.93 4.44 -12.89
CA THR C 421 11.69 4.60 -14.32
C THR C 421 11.90 3.27 -15.04
N ARG C 422 11.94 3.34 -16.38
CA ARG C 422 12.08 2.16 -17.22
C ARG C 422 13.52 1.63 -17.21
N ASP C 423 13.68 0.44 -17.77
CA ASP C 423 15.02 -0.09 -18.05
C ASP C 423 15.67 0.67 -19.20
N LYS C 424 16.99 0.62 -19.24
CA LYS C 424 17.74 1.25 -20.33
C LYS C 424 17.55 0.50 -21.65
N LYS C 425 17.57 -0.84 -21.59
CA LYS C 425 17.57 -1.67 -22.80
C LYS C 425 16.24 -1.63 -23.52
N ILE C 426 15.13 -1.54 -22.78
CA ILE C 426 13.81 -1.36 -23.38
C ILE C 426 13.70 0.03 -24.01
N ASP C 427 14.40 1.02 -23.45
CA ASP C 427 14.37 2.37 -24.02
C ASP C 427 15.18 2.45 -25.31
N LEU C 428 16.29 1.72 -25.40
CA LEU C 428 16.96 1.61 -26.71
C LEU C 428 16.18 0.73 -27.69
N GLN C 429 15.39 -0.23 -27.20
CA GLN C 429 14.63 -1.09 -28.10
C GLN C 429 13.45 -0.35 -28.71
N LYS C 430 12.70 0.39 -27.91
CA LYS C 430 11.50 1.06 -28.39
C LYS C 430 11.75 2.51 -28.82
N LYS C 431 13.00 2.99 -28.72
CA LYS C 431 13.47 4.28 -29.22
C LYS C 431 12.76 5.49 -28.59
N GLN C 432 12.23 5.33 -27.38
CA GLN C 432 11.57 6.41 -26.67
C GLN C 432 12.02 6.41 -25.22
N THR C 433 12.23 7.60 -24.68
CA THR C 433 12.66 7.78 -23.29
C THR C 433 11.72 8.72 -22.59
N GLN C 434 11.41 8.43 -21.32
CA GLN C 434 10.61 9.29 -20.47
C GLN C 434 11.39 9.79 -19.25
N ARG C 435 12.72 9.78 -19.32
CA ARG C 435 13.49 10.16 -18.16
C ARG C 435 13.79 11.66 -18.14
N ASN C 436 14.17 12.14 -16.96
CA ASN C 436 14.41 13.55 -16.71
C ASN C 436 15.85 13.86 -16.28
N VAL C 437 16.61 12.87 -15.82
CA VAL C 437 17.96 13.05 -15.31
C VAL C 437 18.90 12.21 -16.17
N PHE C 438 19.96 12.83 -16.68
CA PHE C 438 20.94 12.15 -17.52
C PHE C 438 22.34 12.35 -16.97
N ARG C 439 23.11 11.27 -16.90
CA ARG C 439 24.48 11.31 -16.39
C ARG C 439 25.48 11.37 -17.54
N CYS C 440 26.43 12.29 -17.45
CA CYS C 440 27.54 12.38 -18.39
C CYS C 440 28.86 12.25 -17.63
N ASN C 441 29.81 11.54 -18.23
CA ASN C 441 31.11 11.28 -17.65
C ASN C 441 32.17 12.10 -18.39
N VAL C 442 33.03 12.80 -17.65
CA VAL C 442 34.08 13.58 -18.26
C VAL C 442 35.40 12.86 -18.04
N ILE C 443 36.01 12.39 -19.13
CA ILE C 443 37.28 11.68 -19.10
C ILE C 443 38.29 12.50 -19.87
N GLY C 444 39.40 12.84 -19.22
CA GLY C 444 40.41 13.65 -19.86
C GLY C 444 41.70 13.64 -19.08
N VAL C 445 42.74 14.20 -19.69
CA VAL C 445 44.05 14.30 -19.07
C VAL C 445 44.02 15.39 -18.01
N LYS C 446 44.78 15.19 -16.94
CA LYS C 446 44.97 16.18 -15.87
C LYS C 446 45.64 17.43 -16.44
N ASN C 447 45.22 18.60 -15.89
CA ASN C 447 45.65 19.96 -16.28
C ASN C 447 45.31 20.24 -17.74
N CYS C 448 44.04 20.00 -18.10
CA CYS C 448 43.52 20.31 -19.42
C CYS C 448 42.19 21.05 -19.34
N GLY C 449 41.87 21.65 -18.20
CA GLY C 449 40.64 22.39 -18.03
C GLY C 449 39.37 21.57 -17.99
N LYS C 450 39.39 20.41 -17.31
CA LYS C 450 38.16 19.66 -17.08
C LYS C 450 37.25 20.40 -16.11
N SER C 451 37.82 20.99 -15.05
CA SER C 451 37.03 21.76 -14.10
C SER C 451 36.57 23.09 -14.69
N GLY C 452 37.18 23.56 -15.77
CA GLY C 452 36.59 24.65 -16.54
C GLY C 452 35.30 24.23 -17.22
N VAL C 453 35.23 22.97 -17.67
CA VAL C 453 34.00 22.46 -18.28
C VAL C 453 32.93 22.24 -17.22
N LEU C 454 33.28 21.61 -16.09
CA LEU C 454 32.29 21.35 -15.04
C LEU C 454 31.87 22.59 -14.27
N GLN C 455 32.59 23.71 -14.35
CA GLN C 455 32.13 24.96 -13.76
C GLN C 455 31.64 25.96 -14.80
N ALA C 456 31.46 25.54 -16.05
CA ALA C 456 30.77 26.36 -17.03
C ALA C 456 29.29 26.03 -17.11
N LEU C 457 28.88 24.86 -16.61
CA LEU C 457 27.47 24.54 -16.49
C LEU C 457 26.79 25.39 -15.43
N LEU C 458 27.53 25.79 -14.39
CA LEU C 458 27.02 26.60 -13.30
C LEU C 458 27.09 28.10 -13.58
N GLY C 459 27.71 28.50 -14.69
CA GLY C 459 27.69 29.89 -15.10
C GLY C 459 28.83 30.76 -14.61
N ARG C 460 29.93 30.18 -14.15
CA ARG C 460 31.07 30.93 -13.65
C ARG C 460 32.22 30.88 -14.65
N ASN C 461 32.85 32.03 -14.87
CA ASN C 461 34.00 32.15 -15.76
C ASN C 461 35.28 31.87 -14.99
N LEU C 462 36.43 32.19 -15.61
CA LEU C 462 37.74 31.92 -14.99
C LEU C 462 38.03 32.86 -13.83
N MET C 463 37.55 34.10 -13.89
CA MET C 463 37.77 35.06 -12.82
C MET C 463 36.97 34.70 -11.57
N ARG C 464 35.83 34.02 -11.73
CA ARG C 464 35.14 33.44 -10.60
C ARG C 464 35.65 32.04 -10.26
N GLN C 465 36.36 31.39 -11.19
CA GLN C 465 36.96 30.10 -10.90
C GLN C 465 38.19 30.25 -10.03
N LYS C 466 38.90 31.38 -10.14
CA LYS C 466 40.16 31.54 -9.42
C LYS C 466 39.98 31.78 -7.93
N LYS C 467 38.82 32.28 -7.49
CA LYS C 467 38.61 32.55 -6.07
C LYS C 467 37.88 31.43 -5.35
N ILE C 468 38.34 30.19 -5.51
CA ILE C 468 37.87 29.08 -4.71
C ILE C 468 39.07 28.37 -4.11
N ARG C 469 38.86 27.71 -2.98
CA ARG C 469 39.94 26.98 -2.34
C ARG C 469 40.05 25.57 -2.90
N GLU C 470 41.27 25.06 -2.94
CA GLU C 470 41.50 23.69 -3.37
C GLU C 470 41.09 22.67 -2.33
N ASP C 471 40.98 23.08 -1.06
CA ASP C 471 40.55 22.19 0.00
C ASP C 471 39.05 21.85 -0.13
N HIS C 472 38.27 22.78 -0.66
CA HIS C 472 36.84 22.56 -0.92
C HIS C 472 36.66 22.47 -2.44
N LYS C 473 36.83 21.26 -2.97
CA LYS C 473 36.80 21.03 -4.40
C LYS C 473 35.82 19.91 -4.70
N SER C 474 35.13 20.04 -5.84
CA SER C 474 34.06 19.12 -6.23
C SER C 474 34.45 18.32 -7.45
N TYR C 475 33.89 17.11 -7.54
CA TYR C 475 33.97 16.29 -8.74
C TYR C 475 32.63 16.15 -9.45
N TYR C 476 31.54 16.57 -8.82
CA TYR C 476 30.20 16.43 -9.37
C TYR C 476 29.60 17.81 -9.66
N ALA C 477 28.84 17.90 -10.74
CA ALA C 477 28.10 19.11 -11.07
C ALA C 477 26.74 18.72 -11.62
N ILE C 478 25.74 19.57 -11.39
CA ILE C 478 24.39 19.33 -11.88
C ILE C 478 23.69 20.67 -12.07
N ASN C 479 23.02 20.82 -13.22
CA ASN C 479 22.23 22.03 -13.50
C ASN C 479 21.16 21.71 -14.53
N THR C 480 20.18 22.60 -14.62
CA THR C 480 19.10 22.43 -15.59
C THR C 480 19.54 22.87 -16.99
N VAL C 481 19.07 22.12 -17.98
CA VAL C 481 19.30 22.41 -19.39
C VAL C 481 17.93 22.44 -20.09
N TYR C 482 17.67 23.53 -20.81
CA TYR C 482 16.43 23.68 -21.58
C TYR C 482 16.74 23.25 -23.01
N VAL C 483 16.10 22.18 -23.48
CA VAL C 483 16.17 21.83 -24.89
C VAL C 483 14.76 21.57 -25.43
N TYR C 484 14.47 22.19 -26.59
CA TYR C 484 13.19 22.16 -27.31
C TYR C 484 12.02 22.66 -26.46
N GLY C 485 12.28 23.61 -25.55
CA GLY C 485 11.27 24.11 -24.63
C GLY C 485 11.09 23.30 -23.38
N GLN C 486 11.80 22.19 -23.21
CA GLN C 486 11.59 21.29 -22.08
C GLN C 486 12.78 21.34 -21.13
N GLU C 487 12.49 21.36 -19.83
CA GLU C 487 13.49 21.52 -18.77
C GLU C 487 13.97 20.15 -18.28
N LYS C 488 15.28 19.92 -18.30
CA LYS C 488 15.85 18.67 -17.79
C LYS C 488 17.04 18.98 -16.90
N TYR C 489 17.64 17.90 -16.38
CA TYR C 489 18.78 17.98 -15.47
C TYR C 489 19.98 17.31 -16.14
N LEU C 490 21.12 17.98 -16.12
CA LEU C 490 22.37 17.45 -16.64
C LEU C 490 23.36 17.33 -15.49
N LEU C 491 24.02 16.17 -15.40
CA LEU C 491 24.96 15.86 -14.35
C LEU C 491 26.30 15.51 -14.98
N LEU C 492 27.37 16.12 -14.49
CA LEU C 492 28.73 15.88 -14.97
C LEU C 492 29.56 15.30 -13.85
N HIS C 493 30.29 14.24 -14.15
CA HIS C 493 31.20 13.58 -13.22
C HIS C 493 32.61 13.62 -13.80
N ASP C 494 33.58 14.03 -13.00
CA ASP C 494 34.97 14.10 -13.40
C ASP C 494 35.66 12.82 -12.97
N ILE C 495 36.01 11.98 -13.94
CA ILE C 495 36.80 10.78 -13.71
C ILE C 495 38.27 11.16 -13.82
N SER C 496 39.03 10.96 -12.75
CA SER C 496 40.44 11.31 -12.75
C SER C 496 41.26 10.28 -13.53
N GLU C 497 42.49 10.68 -13.86
CA GLU C 497 43.36 9.82 -14.66
C GLU C 497 43.91 8.69 -13.78
N SER C 498 43.68 7.45 -14.23
CA SER C 498 43.80 6.27 -13.38
C SER C 498 44.55 5.11 -14.02
N GLU C 499 44.64 5.12 -15.36
CA GLU C 499 45.06 4.19 -16.42
C GLU C 499 44.11 2.97 -16.55
N PHE C 500 43.14 2.81 -15.66
CA PHE C 500 42.16 1.74 -15.77
C PHE C 500 40.86 2.20 -15.14
N LEU C 501 39.76 1.67 -15.66
CA LEU C 501 38.42 2.09 -15.27
C LEU C 501 37.63 0.91 -14.72
N THR C 502 36.84 1.17 -13.68
CA THR C 502 35.99 0.15 -13.07
C THR C 502 34.63 0.14 -13.78
N GLU C 503 33.68 -0.65 -13.25
CA GLU C 503 32.37 -0.81 -13.89
C GLU C 503 31.51 0.44 -13.73
N ALA C 504 31.58 1.09 -12.57
CA ALA C 504 30.77 2.30 -12.31
C ALA C 504 31.23 3.51 -13.11
N GLU C 505 32.45 3.49 -13.65
CA GLU C 505 32.93 4.49 -14.57
C GLU C 505 32.64 4.15 -16.02
N ILE C 506 31.90 3.07 -16.28
CA ILE C 506 31.46 2.71 -17.62
C ILE C 506 29.99 3.10 -17.75
N ILE C 507 29.25 3.01 -16.64
CA ILE C 507 27.81 3.25 -16.64
C ILE C 507 27.54 4.74 -16.77
N CYS C 508 26.94 5.13 -17.90
CA CYS C 508 26.66 6.52 -18.24
C CYS C 508 25.62 6.51 -19.35
N ASP C 509 25.33 7.69 -19.89
CA ASP C 509 24.50 7.84 -21.07
C ASP C 509 25.25 8.46 -22.24
N VAL C 510 26.02 9.53 -21.99
CA VAL C 510 26.99 10.08 -22.93
C VAL C 510 28.28 10.31 -22.17
N VAL C 511 29.37 10.51 -22.91
CA VAL C 511 30.59 11.03 -22.31
C VAL C 511 31.03 12.25 -23.09
N CYS C 512 31.93 13.02 -22.47
CA CYS C 512 32.51 14.21 -23.06
C CYS C 512 34.02 14.07 -23.00
N LEU C 513 34.61 13.44 -24.01
CA LEU C 513 36.06 13.29 -24.09
C LEU C 513 36.67 14.63 -24.49
N VAL C 514 37.53 15.16 -23.63
CA VAL C 514 38.15 16.47 -23.85
C VAL C 514 39.63 16.25 -24.13
N TYR C 515 40.17 17.03 -25.07
CA TYR C 515 41.59 17.02 -25.36
C TYR C 515 42.15 18.43 -25.21
N ASP C 516 43.46 18.53 -25.19
CA ASP C 516 44.15 19.82 -25.07
C ASP C 516 44.69 20.22 -26.43
N VAL C 517 44.40 21.45 -26.84
CA VAL C 517 44.97 21.97 -28.08
C VAL C 517 46.39 22.49 -27.87
N SER C 518 46.82 22.68 -26.62
CA SER C 518 48.20 23.09 -26.36
C SER C 518 49.12 21.89 -26.17
N ASN C 519 48.58 20.74 -25.74
CA ASN C 519 49.38 19.55 -25.53
C ASN C 519 49.14 18.58 -26.68
N PRO C 520 50.16 18.22 -27.45
CA PRO C 520 49.96 17.26 -28.55
C PRO C 520 49.71 15.82 -28.09
N LYS C 521 50.05 15.48 -26.84
CA LYS C 521 49.93 14.11 -26.37
C LYS C 521 48.50 13.73 -26.02
N SER C 522 47.66 14.72 -25.68
CA SER C 522 46.41 14.50 -24.93
C SER C 522 45.37 13.73 -25.73
N PHE C 523 45.27 13.98 -27.04
CA PHE C 523 44.33 13.27 -27.90
C PHE C 523 44.71 11.79 -28.11
N GLU C 524 45.95 11.40 -27.76
CA GLU C 524 46.26 9.99 -27.56
C GLU C 524 45.35 9.37 -26.50
N TYR C 525 45.42 9.90 -25.27
CA TYR C 525 44.96 9.18 -24.07
C TYR C 525 43.44 9.00 -24.08
N CYS C 526 42.69 10.06 -24.40
CA CYS C 526 41.24 10.01 -24.46
C CYS C 526 40.77 9.04 -25.55
N ALA C 527 41.47 9.04 -26.71
CA ALA C 527 41.14 8.08 -27.75
C ALA C 527 41.54 6.67 -27.33
N ARG C 528 42.60 6.57 -26.51
CA ARG C 528 42.97 5.31 -25.89
C ARG C 528 41.86 4.79 -24.99
N ILE C 529 41.22 5.70 -24.24
CA ILE C 529 40.06 5.36 -23.41
C ILE C 529 38.88 4.98 -24.31
N PHE C 530 38.78 5.62 -25.47
CA PHE C 530 37.73 5.28 -26.44
C PHE C 530 38.00 3.93 -27.11
N LYS C 531 39.22 3.39 -27.00
CA LYS C 531 39.48 2.05 -27.46
C LYS C 531 39.42 1.01 -26.35
N GLN C 532 39.27 1.41 -25.08
CA GLN C 532 39.25 0.40 -24.02
C GLN C 532 37.87 -0.22 -23.84
N HIS C 533 36.89 0.58 -23.43
CA HIS C 533 35.60 0.02 -23.03
C HIS C 533 34.39 0.73 -23.64
N PHE C 534 34.58 1.70 -24.52
CA PHE C 534 33.50 2.61 -24.87
C PHE C 534 33.05 2.55 -26.32
N MET C 535 33.88 2.05 -27.25
CA MET C 535 33.45 1.98 -28.64
C MET C 535 32.48 0.82 -28.85
N ASP C 536 32.68 -0.28 -28.11
CA ASP C 536 31.93 -1.51 -28.36
C ASP C 536 30.48 -1.41 -27.92
N SER C 537 30.23 -0.72 -26.80
CA SER C 537 28.86 -0.47 -26.38
C SER C 537 28.24 0.64 -27.21
N ARG C 538 26.92 0.59 -27.35
CA ARG C 538 26.19 1.59 -28.13
C ARG C 538 25.89 2.78 -27.24
N ILE C 539 26.91 3.61 -27.03
CA ILE C 539 26.82 4.84 -26.27
C ILE C 539 27.22 5.98 -27.18
N PRO C 540 26.36 6.97 -27.42
CA PRO C 540 26.78 8.15 -28.17
C PRO C 540 27.72 9.03 -27.35
N CYS C 541 28.71 9.60 -28.03
CA CYS C 541 29.85 10.21 -27.37
C CYS C 541 30.19 11.52 -28.08
N LEU C 542 30.81 12.44 -27.36
CA LEU C 542 31.15 13.75 -27.89
C LEU C 542 32.61 14.09 -27.58
N ILE C 543 33.28 14.70 -28.55
CA ILE C 543 34.65 15.19 -28.41
C ILE C 543 34.62 16.71 -28.50
N VAL C 544 35.20 17.38 -27.49
CA VAL C 544 35.24 18.84 -27.44
C VAL C 544 36.70 19.27 -27.30
N ALA C 545 36.98 20.51 -27.71
CA ALA C 545 38.31 21.11 -27.61
C ALA C 545 38.31 22.19 -26.55
N ALA C 546 39.32 22.17 -25.68
CA ALA C 546 39.44 23.12 -24.59
C ALA C 546 40.58 24.10 -24.85
N LYS C 547 40.55 25.20 -24.08
CA LYS C 547 41.42 26.39 -24.14
C LYS C 547 41.71 26.87 -25.57
N SER C 548 40.64 27.22 -26.27
CA SER C 548 40.73 27.74 -27.64
C SER C 548 41.20 29.19 -27.69
N ASP C 549 41.27 29.89 -26.55
CA ASP C 549 41.81 31.25 -26.53
C ASP C 549 43.31 31.25 -26.78
N LEU C 550 44.02 30.23 -26.30
CA LEU C 550 45.45 30.11 -26.51
C LEU C 550 45.74 29.69 -27.95
N HIS C 551 47.01 29.85 -28.34
CA HIS C 551 47.41 29.54 -29.71
C HIS C 551 47.52 28.04 -29.93
N GLU C 552 46.90 27.57 -31.00
CA GLU C 552 46.80 26.14 -31.28
C GLU C 552 48.12 25.63 -31.88
N VAL C 553 48.53 24.43 -31.44
CA VAL C 553 49.68 23.75 -32.00
C VAL C 553 49.24 22.39 -32.50
N LYS C 554 49.95 21.89 -33.52
CA LYS C 554 49.55 20.67 -34.21
C LYS C 554 49.87 19.44 -33.35
N GLN C 555 48.89 18.55 -33.23
CA GLN C 555 49.03 17.36 -32.39
C GLN C 555 49.98 16.35 -33.02
N GLU C 556 50.58 15.52 -32.16
CA GLU C 556 51.59 14.55 -32.57
C GLU C 556 51.01 13.17 -32.87
N TYR C 557 49.69 13.02 -32.86
CA TYR C 557 49.07 11.74 -33.17
C TYR C 557 49.16 11.47 -34.67
N SER C 558 48.99 10.19 -35.03
CA SER C 558 49.17 9.76 -36.42
C SER C 558 48.05 10.27 -37.32
N ILE C 559 46.82 9.94 -36.98
CA ILE C 559 45.65 10.44 -37.70
C ILE C 559 45.25 11.77 -37.05
N SER C 560 44.71 12.68 -37.88
CA SER C 560 44.24 13.98 -37.41
C SER C 560 43.05 13.82 -36.47
N PRO C 561 42.88 14.71 -35.48
CA PRO C 561 41.72 14.61 -34.57
C PRO C 561 40.37 14.82 -35.23
N THR C 562 40.29 15.68 -36.24
CA THR C 562 39.05 15.82 -37.01
C THR C 562 38.80 14.58 -37.86
N ASP C 563 39.86 13.98 -38.39
CA ASP C 563 39.70 12.77 -39.21
C ASP C 563 39.38 11.55 -38.36
N PHE C 564 40.02 11.42 -37.18
CA PHE C 564 39.69 10.33 -36.27
C PHE C 564 38.31 10.51 -35.65
N CYS C 565 37.86 11.75 -35.50
CA CYS C 565 36.49 11.99 -35.07
C CYS C 565 35.50 11.61 -36.17
N ARG C 566 35.72 12.08 -37.40
CA ARG C 566 34.78 11.85 -38.49
C ARG C 566 34.79 10.42 -39.01
N LYS C 567 35.82 9.64 -38.69
CA LYS C 567 35.84 8.23 -39.09
C LYS C 567 34.84 7.39 -38.28
N HIS C 568 34.70 7.69 -36.99
CA HIS C 568 33.91 6.86 -36.07
C HIS C 568 32.46 7.31 -35.91
N LYS C 569 31.86 7.89 -36.97
CA LYS C 569 30.44 8.30 -37.05
C LYS C 569 30.04 9.30 -35.98
N MET C 570 30.95 10.20 -35.62
CA MET C 570 30.79 11.13 -34.52
C MET C 570 30.35 12.50 -35.02
N PRO C 571 29.67 13.29 -34.19
CA PRO C 571 29.48 14.70 -34.52
C PRO C 571 30.81 15.43 -34.47
N PRO C 572 30.98 16.48 -35.30
CA PRO C 572 32.31 17.11 -35.44
C PRO C 572 32.69 17.91 -34.20
N PRO C 573 33.99 18.05 -33.90
CA PRO C 573 34.40 18.57 -32.59
C PRO C 573 34.15 20.06 -32.41
N GLN C 574 33.67 20.41 -31.22
CA GLN C 574 33.29 21.76 -30.89
C GLN C 574 34.48 22.53 -30.35
N ALA C 575 34.25 23.78 -29.94
CA ALA C 575 35.27 24.62 -29.34
C ALA C 575 34.74 25.21 -28.05
N PHE C 576 35.64 25.36 -27.08
CA PHE C 576 35.25 25.88 -25.77
C PHE C 576 36.42 26.68 -25.20
N THR C 577 36.12 27.87 -24.69
CA THR C 577 37.05 28.61 -23.85
C THR C 577 36.27 29.24 -22.70
N CYS C 578 36.92 29.35 -21.55
CA CYS C 578 36.33 29.97 -20.36
C CYS C 578 36.98 31.29 -20.01
N ASN C 579 37.70 31.89 -20.97
CA ASN C 579 38.42 33.14 -20.77
C ASN C 579 37.56 34.36 -21.10
N THR C 580 36.28 34.17 -21.38
CA THR C 580 35.40 35.28 -21.68
C THR C 580 35.09 36.09 -20.42
N ALA C 581 34.73 37.36 -20.63
CA ALA C 581 34.46 38.25 -19.50
C ALA C 581 33.10 37.96 -18.87
N ASP C 582 32.10 37.66 -19.69
CA ASP C 582 30.75 37.38 -19.21
C ASP C 582 30.61 35.89 -18.87
N ALA C 583 29.37 35.45 -18.71
CA ALA C 583 29.09 34.03 -18.49
C ALA C 583 29.36 33.23 -19.77
N PRO C 584 29.86 31.99 -19.63
CA PRO C 584 30.12 31.17 -20.83
C PRO C 584 28.83 30.70 -21.50
N SER C 585 28.98 30.36 -22.78
CA SER C 585 27.83 29.97 -23.59
C SER C 585 27.42 28.53 -23.30
N LYS C 586 26.11 28.32 -23.13
CA LYS C 586 25.57 26.99 -22.88
C LYS C 586 25.08 26.42 -24.21
N ASP C 587 26.02 25.88 -24.99
CA ASP C 587 25.70 25.32 -26.30
C ASP C 587 26.20 23.89 -26.41
N ILE C 588 27.28 23.57 -25.69
CA ILE C 588 27.79 22.19 -25.68
C ILE C 588 26.86 21.29 -24.88
N PHE C 589 26.33 21.81 -23.76
CA PHE C 589 25.52 21.00 -22.86
C PHE C 589 24.13 20.71 -23.43
N VAL C 590 23.60 21.63 -24.24
CA VAL C 590 22.35 21.39 -24.96
C VAL C 590 22.51 20.27 -25.98
N LYS C 591 23.64 20.25 -26.69
CA LYS C 591 23.95 19.18 -27.63
C LYS C 591 24.18 17.85 -26.91
N LEU C 592 24.79 17.88 -25.72
CA LEU C 592 25.01 16.66 -24.94
C LEU C 592 23.70 16.09 -24.41
N THR C 593 22.78 16.96 -23.96
CA THR C 593 21.45 16.51 -23.54
C THR C 593 20.63 15.97 -24.71
N THR C 594 20.78 16.60 -25.89
CA THR C 594 20.09 16.15 -27.10
C THR C 594 20.59 14.80 -27.57
N MET C 595 21.89 14.55 -27.47
CA MET C 595 22.42 13.22 -27.74
C MET C 595 22.07 12.23 -26.64
N ALA C 596 21.82 12.70 -25.42
CA ALA C 596 21.42 11.79 -24.35
C ALA C 596 20.00 11.28 -24.54
N MET C 597 19.10 12.13 -25.06
CA MET C 597 17.72 11.69 -25.25
C MET C 597 17.55 10.77 -26.43
N TYR C 598 18.24 11.05 -27.54
CA TYR C 598 18.01 10.38 -28.82
C TYR C 598 19.32 9.72 -29.25
N PRO C 599 19.66 8.53 -28.76
CA PRO C 599 20.91 7.90 -29.18
C PRO C 599 20.85 7.32 -30.58
N HIS C 600 19.66 6.98 -31.07
CA HIS C 600 19.50 6.49 -32.43
C HIS C 600 19.49 7.61 -33.47
N VAL C 601 19.21 8.85 -33.07
CA VAL C 601 19.26 9.97 -33.99
C VAL C 601 20.72 10.43 -34.10
N THR C 602 21.33 10.13 -35.24
CA THR C 602 22.61 10.68 -35.63
C THR C 602 22.38 12.14 -36.01
N GLN C 603 23.41 13.00 -35.84
CA GLN C 603 23.32 14.43 -36.16
C GLN C 603 23.04 14.72 -37.62
N ALA C 604 23.34 13.79 -38.54
CA ALA C 604 22.87 13.91 -39.91
C ALA C 604 21.37 13.65 -40.03
N ASP C 605 20.82 12.78 -39.18
CA ASP C 605 19.40 12.45 -39.24
C ASP C 605 18.51 13.55 -38.66
N LEU C 606 19.08 14.48 -37.90
CA LEU C 606 18.31 15.59 -37.34
C LEU C 606 17.95 16.60 -38.42
N LEU D 6 -8.17 -31.36 32.96
CA LEU D 6 -8.29 -29.92 32.80
C LEU D 6 -7.09 -29.10 33.42
N PRO D 7 -5.93 -28.66 32.68
CA PRO D 7 -4.92 -28.08 33.47
C PRO D 7 -4.94 -26.57 33.66
N GLU D 8 -3.92 -26.02 34.32
CA GLU D 8 -3.83 -24.56 34.45
C GLU D 8 -3.31 -23.88 33.18
N LYS D 9 -2.93 -24.64 32.15
CA LYS D 9 -2.67 -24.05 30.84
C LYS D 9 -4.02 -24.12 30.10
N LEU D 10 -4.86 -23.14 30.42
CA LEU D 10 -6.16 -22.90 29.80
C LEU D 10 -6.51 -21.43 30.04
N GLN D 11 -6.43 -20.61 29.00
CA GLN D 11 -6.81 -19.22 29.14
C GLN D 11 -8.33 -19.08 29.18
N ILE D 12 -8.82 -18.33 30.17
CA ILE D 12 -10.23 -17.99 30.28
C ILE D 12 -10.40 -16.55 29.84
N VAL D 13 -11.21 -16.34 28.80
CA VAL D 13 -11.29 -15.04 28.13
C VAL D 13 -12.70 -14.47 28.35
N LYS D 14 -12.77 -13.30 28.97
CA LYS D 14 -13.99 -12.50 28.98
C LYS D 14 -14.14 -11.81 27.63
N PRO D 15 -15.30 -11.89 26.98
CA PRO D 15 -15.47 -11.15 25.72
C PRO D 15 -15.70 -9.67 25.97
N LEU D 16 -15.35 -8.87 24.96
CA LEU D 16 -15.49 -7.42 25.07
C LEU D 16 -16.95 -6.98 24.96
N GLU D 17 -17.70 -7.56 24.02
CA GLU D 17 -18.99 -7.02 23.65
C GLU D 17 -20.05 -7.36 24.70
N GLY D 18 -20.90 -6.39 24.99
CA GLY D 18 -21.90 -6.55 26.03
C GLY D 18 -21.38 -6.36 27.43
N SER D 19 -20.33 -5.56 27.61
CA SER D 19 -19.76 -5.28 28.91
C SER D 19 -19.76 -3.77 29.16
N ALA D 20 -20.05 -3.39 30.39
CA ALA D 20 -20.10 -1.97 30.77
C ALA D 20 -18.78 -1.47 31.34
N THR D 21 -18.13 -2.29 32.18
CA THR D 21 -16.84 -1.91 32.77
C THR D 21 -15.73 -1.88 31.73
N LEU D 22 -15.76 -2.80 30.77
CA LEU D 22 -14.78 -2.78 29.69
C LEU D 22 -15.06 -1.65 28.71
N HIS D 23 -16.33 -1.25 28.58
CA HIS D 23 -16.66 -0.05 27.80
C HIS D 23 -16.16 1.22 28.49
N HIS D 24 -16.23 1.24 29.82
CA HIS D 24 -15.64 2.35 30.58
C HIS D 24 -14.13 2.39 30.45
N TRP D 25 -13.50 1.21 30.44
CA TRP D 25 -12.06 1.08 30.19
C TRP D 25 -11.70 1.58 28.80
N GLN D 26 -12.52 1.26 27.80
CA GLN D 26 -12.27 1.71 26.43
C GLN D 26 -12.46 3.22 26.29
N GLN D 27 -13.42 3.79 27.01
CA GLN D 27 -13.64 5.23 26.90
C GLN D 27 -12.62 6.05 27.68
N LEU D 28 -12.14 5.58 28.84
CA LEU D 28 -10.98 6.23 29.44
C LEU D 28 -9.67 5.91 28.72
N ALA D 29 -9.63 4.89 27.87
CA ALA D 29 -8.40 4.56 27.15
C ALA D 29 -8.11 5.50 25.98
N GLN D 30 -9.11 6.22 25.48
CA GLN D 30 -8.91 7.05 24.30
C GLN D 30 -8.16 8.34 24.65
N PRO D 31 -7.13 8.73 23.89
CA PRO D 31 -6.44 9.98 24.17
C PRO D 31 -7.11 11.19 23.53
N HIS D 32 -7.43 12.19 24.35
CA HIS D 32 -7.94 13.46 23.86
C HIS D 32 -7.36 14.58 24.70
N LEU D 33 -7.06 15.71 24.07
CA LEU D 33 -6.46 16.82 24.79
C LEU D 33 -7.49 17.62 25.58
N GLY D 34 -8.79 17.40 25.35
CA GLY D 34 -9.83 18.03 26.13
C GLY D 34 -10.15 17.35 27.45
N GLY D 35 -9.13 17.13 28.27
CA GLY D 35 -9.26 16.62 29.62
C GLY D 35 -8.49 17.52 30.56
N ILE D 36 -8.21 18.73 30.07
CA ILE D 36 -7.48 19.72 30.85
C ILE D 36 -8.37 20.34 31.93
N LEU D 37 -9.69 20.25 31.79
CA LEU D 37 -10.64 20.75 32.76
C LEU D 37 -11.11 19.66 33.72
N ASP D 38 -11.24 18.44 33.20
CA ASP D 38 -12.05 17.38 33.81
C ASP D 38 -11.37 16.79 35.04
N PRO D 39 -12.03 16.78 36.23
CA PRO D 39 -11.40 16.16 37.40
C PRO D 39 -11.68 14.66 37.44
N ARG D 40 -11.09 13.94 38.39
CA ARG D 40 -11.55 12.59 38.68
C ARG D 40 -11.34 12.32 40.16
N PRO D 41 -12.33 11.75 40.85
CA PRO D 41 -12.21 11.57 42.31
C PRO D 41 -11.37 10.36 42.70
N GLY D 42 -10.81 10.46 43.90
CA GLY D 42 -10.30 9.29 44.60
C GLY D 42 -8.97 8.74 44.16
N VAL D 43 -8.25 9.42 43.26
CA VAL D 43 -6.87 9.04 42.93
C VAL D 43 -5.99 10.24 43.25
N VAL D 44 -4.83 9.97 43.82
CA VAL D 44 -3.78 10.98 43.96
C VAL D 44 -2.54 10.46 43.26
N THR D 45 -1.97 11.28 42.39
CA THR D 45 -0.79 10.91 41.62
C THR D 45 0.43 11.66 42.15
N LYS D 46 1.58 11.45 41.50
CA LYS D 46 2.79 12.17 41.88
C LYS D 46 2.75 13.59 41.33
N GLY D 47 3.00 14.56 42.21
CA GLY D 47 2.95 15.96 41.83
C GLY D 47 1.56 16.49 41.55
N PHE D 48 0.54 15.97 42.23
CA PHE D 48 -0.84 16.31 41.94
C PHE D 48 -1.20 17.69 42.48
N ARG D 49 -1.85 18.48 41.63
CA ARG D 49 -2.45 19.74 42.06
C ARG D 49 -3.96 19.71 41.84
#